data_6CYB
#
_entry.id   6CYB
#
_cell.length_a   72.260
_cell.length_b   96.640
_cell.length_c   102.040
_cell.angle_alpha   90.00
_cell.angle_beta   90.00
_cell.angle_gamma   90.00
#
_symmetry.space_group_name_H-M   'P 21 21 21'
#
loop_
_entity.id
_entity.type
_entity.pdbx_description
1 polymer "cGMP-dependent 3',5'-cyclic phosphodiesterase"
2 non-polymer 'ZINC ION'
3 non-polymer 'MAGNESIUM ION'
4 non-polymer 1,2-ETHANEDIOL
5 non-polymer 3-(2,2,2-trifluoroethyl)-1-{(1S)-1-[4-(trifluoromethyl)phenyl]ethyl}-1H-pyrazolo[3,4-d]pyrimidine-4,6(5H,7H)-dione
6 water water
#
_entity_poly.entity_id   1
_entity_poly.type   'polypeptide(L)'
_entity_poly.pdbx_seq_one_letter_code
;MHHHHHHENLYFQGELSTSLYKKAGFDDDDKSDDEYTKLLHDGIQPVAAIDSNFASFTYTPRSLPEDDTSMAILSMLQDM
NFINNYKIDCPTLARFCLMVKKGYRDPPYHNWMHAFSVSHFCYLLYKNLELTNYLEDIEIFALFISCMCHDLDHRGTNNS
FQVASKSVLAALYSSEGSVMERHHFAQAIAILNTHGCNIFDHFSRKDYQRMLDLMRDIILATDLAHHLRIFKDLQKMAEV
GYDRNNKQHHRLLLCLLMTSCDLSDQTKGWKTTRKIAELIYKEFFSQGDLEKAMGNRPMEMMDREKAYIPELQISFMEHI
AMPIYKLLQDLFPKAAELYERVASNREHWTKVSHKFTIRGLPSNNSLDFLDEE
;
_entity_poly.pdbx_strand_id   A,B
#
loop_
_chem_comp.id
_chem_comp.type
_chem_comp.name
_chem_comp.formula
EDO non-polymer 1,2-ETHANEDIOL 'C2 H6 O2'
FKV non-polymer 3-(2,2,2-trifluoroethyl)-1-{(1S)-1-[4-(trifluoromethyl)phenyl]ethyl}-1H-pyrazolo[3,4-d]pyrimidine-4,6(5H,7H)-dione 'C16 H12 F6 N4 O2'
MG non-polymer 'MAGNESIUM ION' 'Mg 2'
ZN non-polymer 'ZINC ION' 'Zn 2'
#
# COMPACT_ATOMS: atom_id res chain seq x y z
N SER A 19 -14.97 21.50 16.58
CA SER A 19 -14.09 20.59 15.83
C SER A 19 -12.62 20.70 16.24
N LEU A 20 -12.36 21.39 17.34
CA LEU A 20 -11.01 21.51 17.85
C LEU A 20 -10.81 20.40 18.88
N TYR A 21 -9.81 19.54 18.60
CA TYR A 21 -9.44 18.40 19.44
C TYR A 21 -7.95 18.51 19.66
N LYS A 22 -7.54 18.61 20.92
CA LYS A 22 -6.13 18.84 21.22
C LYS A 22 -5.28 17.62 21.46
N LYS A 23 -3.96 17.82 21.32
CA LYS A 23 -2.94 16.81 21.61
C LYS A 23 -2.38 17.21 22.97
N ALA A 24 -2.28 16.27 23.93
CA ALA A 24 -1.81 16.60 25.29
C ALA A 24 -0.34 16.99 25.38
N GLY A 25 0.47 16.60 24.40
CA GLY A 25 1.90 16.91 24.40
C GLY A 25 2.49 17.06 23.01
N PHE A 26 3.79 16.78 22.89
CA PHE A 26 4.50 16.91 21.61
C PHE A 26 5.01 15.58 21.06
N TYR A 36 4.28 7.38 35.11
CA TYR A 36 5.36 6.43 34.79
C TYR A 36 5.87 5.67 36.01
N THR A 37 6.05 6.39 37.13
CA THR A 37 6.53 5.81 38.39
C THR A 37 5.50 4.82 38.96
N LYS A 38 4.20 5.16 38.86
CA LYS A 38 3.07 4.33 39.30
C LYS A 38 3.05 2.99 38.55
N LEU A 39 3.36 3.02 37.24
CA LEU A 39 3.44 1.86 36.37
C LEU A 39 4.65 0.98 36.75
N LEU A 40 5.77 1.60 37.14
CA LEU A 40 6.98 0.87 37.53
C LEU A 40 6.78 0.13 38.87
N HIS A 41 6.07 0.76 39.82
CA HIS A 41 5.80 0.22 41.15
C HIS A 41 4.82 -0.95 41.16
N ASP A 42 3.66 -0.82 40.48
CA ASP A 42 2.64 -1.89 40.43
C ASP A 42 1.78 -1.89 39.14
N GLY A 43 2.42 -1.61 37.99
CA GLY A 43 1.76 -1.59 36.69
C GLY A 43 1.25 -2.93 36.19
N ILE A 44 1.89 -4.04 36.66
CA ILE A 44 1.50 -5.41 36.29
C ILE A 44 0.73 -6.07 37.44
N GLN A 45 -0.58 -6.18 37.22
CA GLN A 45 -1.53 -6.76 38.16
C GLN A 45 -2.20 -8.02 37.60
N PRO A 46 -2.64 -8.94 38.48
CA PRO A 46 -3.40 -10.11 37.98
C PRO A 46 -4.74 -9.53 37.48
N VAL A 47 -5.19 -9.94 36.31
CA VAL A 47 -6.41 -9.40 35.70
C VAL A 47 -7.67 -9.54 36.62
N ALA A 48 -7.75 -10.60 37.46
CA ALA A 48 -8.91 -10.75 38.36
C ALA A 48 -9.00 -9.62 39.39
N ALA A 49 -7.85 -9.01 39.76
CA ALA A 49 -7.82 -7.89 40.71
C ALA A 49 -8.42 -6.63 40.05
N ILE A 50 -8.34 -6.55 38.69
CA ILE A 50 -8.94 -5.40 37.98
C ILE A 50 -10.47 -5.59 38.05
N ASP A 51 -10.97 -6.77 37.67
CA ASP A 51 -12.39 -7.12 37.71
C ASP A 51 -12.56 -8.62 37.59
N SER A 52 -13.42 -9.23 38.41
CA SER A 52 -13.63 -10.68 38.29
C SER A 52 -14.17 -11.07 36.89
N ASN A 53 -14.84 -10.12 36.20
CA ASN A 53 -15.43 -10.33 34.87
C ASN A 53 -14.51 -9.82 33.74
N PHE A 54 -13.27 -9.45 34.05
CA PHE A 54 -12.35 -8.86 33.06
C PHE A 54 -12.12 -9.67 31.77
N ALA A 55 -12.17 -10.99 31.86
CA ALA A 55 -11.90 -11.84 30.69
C ALA A 55 -13.16 -12.36 29.99
N SER A 56 -14.33 -11.71 30.30
CA SER A 56 -15.63 -12.03 29.77
C SER A 56 -16.10 -11.10 28.68
N PHE A 57 -16.86 -11.65 27.74
CA PHE A 57 -17.49 -10.84 26.68
C PHE A 57 -18.54 -9.87 27.28
N THR A 58 -18.95 -10.06 28.57
CA THR A 58 -19.90 -9.14 29.21
C THR A 58 -19.19 -7.99 29.94
N TYR A 59 -17.85 -7.94 29.90
CA TYR A 59 -17.13 -6.83 30.54
C TYR A 59 -17.22 -5.62 29.60
N THR A 60 -17.40 -4.43 30.17
CA THR A 60 -17.47 -3.18 29.40
C THR A 60 -16.20 -2.41 29.76
N PRO A 61 -15.16 -2.49 28.91
CA PRO A 61 -13.89 -1.83 29.26
C PRO A 61 -13.98 -0.31 29.47
N ARG A 62 -15.04 0.34 28.95
CA ARG A 62 -15.23 1.79 29.14
C ARG A 62 -15.60 2.10 30.60
N SER A 63 -15.91 1.06 31.40
CA SER A 63 -16.22 1.20 32.83
C SER A 63 -14.91 1.41 33.62
N LEU A 64 -13.75 1.08 33.01
CA LEU A 64 -12.49 1.23 33.73
C LEU A 64 -12.04 2.69 33.76
N PRO A 65 -11.67 3.28 34.92
CA PRO A 65 -11.18 4.66 34.91
C PRO A 65 -10.01 4.83 33.96
N GLU A 66 -10.00 5.95 33.24
CA GLU A 66 -8.92 6.21 32.28
C GLU A 66 -7.52 6.10 32.89
N ASP A 67 -7.35 6.52 34.16
CA ASP A 67 -6.06 6.44 34.83
C ASP A 67 -5.57 5.00 35.08
N ASP A 68 -6.47 4.01 34.97
CA ASP A 68 -6.10 2.61 35.20
C ASP A 68 -5.88 1.87 33.90
N THR A 69 -6.10 2.53 32.73
CA THR A 69 -5.99 1.82 31.45
C THR A 69 -4.59 1.36 31.08
N SER A 70 -3.51 2.16 31.36
CA SER A 70 -2.14 1.72 31.05
C SER A 70 -1.79 0.45 31.84
N MET A 71 -2.12 0.43 33.15
CA MET A 71 -1.91 -0.76 33.99
C MET A 71 -2.67 -1.96 33.37
N ALA A 72 -3.92 -1.76 32.89
CA ALA A 72 -4.70 -2.85 32.32
C ALA A 72 -4.06 -3.39 31.05
N ILE A 73 -3.46 -2.51 30.24
CA ILE A 73 -2.76 -2.93 29.02
C ILE A 73 -1.62 -3.87 29.40
N LEU A 74 -0.78 -3.45 30.37
CA LEU A 74 0.37 -4.28 30.81
C LEU A 74 -0.12 -5.61 31.37
N SER A 75 -1.23 -5.56 32.16
CA SER A 75 -1.80 -6.74 32.77
C SER A 75 -2.30 -7.72 31.72
N MET A 76 -2.90 -7.21 30.62
CA MET A 76 -3.38 -8.05 29.55
C MET A 76 -2.19 -8.69 28.81
N LEU A 77 -1.13 -7.90 28.56
CA LEU A 77 0.06 -8.46 27.88
C LEU A 77 0.72 -9.53 28.73
N GLN A 78 0.71 -9.33 30.06
CA GLN A 78 1.27 -10.32 30.99
C GLN A 78 0.41 -11.59 31.02
N ASP A 79 -0.94 -11.42 31.03
CA ASP A 79 -1.86 -12.55 31.08
C ASP A 79 -1.80 -13.42 29.84
N MET A 80 -1.50 -12.80 28.68
CA MET A 80 -1.37 -13.53 27.42
C MET A 80 0.09 -14.09 27.31
N ASN A 81 0.91 -13.81 28.32
CA ASN A 81 2.33 -14.22 28.48
C ASN A 81 3.29 -13.63 27.43
N PHE A 82 2.90 -12.51 26.76
CA PHE A 82 3.79 -11.91 25.75
C PHE A 82 5.03 -11.25 26.33
N ILE A 83 4.93 -10.71 27.55
CA ILE A 83 6.06 -10.05 28.19
C ILE A 83 7.19 -11.06 28.41
N ASN A 84 6.86 -12.25 28.96
CA ASN A 84 7.85 -13.32 29.19
C ASN A 84 8.34 -13.96 27.90
N ASN A 85 7.40 -14.46 27.06
CA ASN A 85 7.70 -15.12 25.79
C ASN A 85 8.56 -14.29 24.83
N TYR A 86 8.29 -12.97 24.70
CA TYR A 86 9.06 -12.11 23.80
C TYR A 86 10.15 -11.32 24.51
N LYS A 87 10.39 -11.57 25.82
CA LYS A 87 11.42 -10.91 26.63
C LYS A 87 11.34 -9.39 26.49
N ILE A 88 10.12 -8.85 26.66
CA ILE A 88 9.88 -7.42 26.56
C ILE A 88 10.35 -6.75 27.85
N ASP A 89 11.12 -5.67 27.70
CA ASP A 89 11.61 -4.87 28.82
C ASP A 89 10.39 -4.11 29.36
N CYS A 90 10.00 -4.40 30.62
CA CYS A 90 8.84 -3.76 31.25
C CYS A 90 8.94 -2.22 31.29
N PRO A 91 10.07 -1.58 31.70
CA PRO A 91 10.12 -0.10 31.65
C PRO A 91 9.88 0.46 30.23
N THR A 92 10.45 -0.19 29.20
CA THR A 92 10.25 0.23 27.79
C THR A 92 8.77 0.04 27.43
N LEU A 93 8.16 -1.07 27.87
CA LEU A 93 6.75 -1.34 27.60
C LEU A 93 5.84 -0.32 28.27
N ALA A 94 6.17 0.08 29.51
CA ALA A 94 5.40 1.10 30.22
C ALA A 94 5.51 2.46 29.46
N ARG A 95 6.73 2.84 29.01
CA ARG A 95 6.94 4.09 28.26
C ARG A 95 6.17 4.03 26.93
N PHE A 96 6.24 2.89 26.22
CA PHE A 96 5.54 2.71 24.94
C PHE A 96 4.03 2.91 25.15
N CYS A 97 3.44 2.27 26.20
N CYS A 97 3.46 2.26 26.18
CA CYS A 97 2.01 2.39 26.50
CA CYS A 97 2.02 2.39 26.46
C CYS A 97 1.62 3.85 26.76
C CYS A 97 1.61 3.84 26.74
N LEU A 98 2.43 4.57 27.53
CA LEU A 98 2.17 5.97 27.86
C LEU A 98 2.26 6.86 26.62
N MET A 99 3.19 6.53 25.70
CA MET A 99 3.35 7.26 24.44
C MET A 99 2.15 7.04 23.54
N VAL A 100 1.66 5.80 23.47
CA VAL A 100 0.50 5.48 22.65
C VAL A 100 -0.71 6.21 23.22
N LYS A 101 -0.90 6.16 24.56
CA LYS A 101 -2.04 6.86 25.18
C LYS A 101 -2.00 8.38 24.85
N LYS A 102 -0.82 9.03 24.99
CA LYS A 102 -0.62 10.45 24.69
C LYS A 102 -0.78 10.77 23.19
N GLY A 103 -0.72 9.74 22.34
CA GLY A 103 -0.81 9.83 20.89
C GLY A 103 -2.23 10.09 20.38
N TYR A 104 -3.23 9.98 21.27
CA TYR A 104 -4.61 10.22 20.87
C TYR A 104 -5.08 11.62 21.24
N ARG A 105 -5.91 12.23 20.37
CA ARG A 105 -6.52 13.53 20.66
C ARG A 105 -7.80 13.26 21.45
N ASP A 106 -8.60 14.32 21.70
CA ASP A 106 -9.83 14.16 22.48
C ASP A 106 -11.15 14.40 21.72
N PRO A 107 -11.37 13.82 20.53
CA PRO A 107 -12.71 13.94 19.91
C PRO A 107 -13.67 13.06 20.70
N PRO A 108 -15.00 13.16 20.47
CA PRO A 108 -15.93 12.38 21.28
C PRO A 108 -15.76 10.87 21.21
N TYR A 109 -15.44 10.34 20.03
CA TYR A 109 -15.28 8.90 19.85
C TYR A 109 -13.86 8.43 19.65
N HIS A 110 -13.12 8.98 18.68
CA HIS A 110 -11.78 8.50 18.33
C HIS A 110 -10.69 9.00 19.29
N ASN A 111 -10.83 8.58 20.55
CA ASN A 111 -9.89 8.95 21.61
C ASN A 111 -9.22 7.68 22.20
N TRP A 112 -8.35 7.87 23.21
CA TRP A 112 -7.66 6.73 23.82
C TRP A 112 -8.62 5.69 24.39
N MET A 113 -9.75 6.13 25.02
CA MET A 113 -10.67 5.10 25.55
C MET A 113 -11.19 4.17 24.47
N HIS A 114 -11.33 4.67 23.22
CA HIS A 114 -11.73 3.79 22.12
C HIS A 114 -10.59 2.77 21.84
N ALA A 115 -9.31 3.26 21.71
CA ALA A 115 -8.21 2.33 21.42
C ALA A 115 -8.06 1.31 22.55
N PHE A 116 -8.23 1.75 23.79
CA PHE A 116 -8.14 0.84 24.94
C PHE A 116 -9.22 -0.24 24.86
N SER A 117 -10.48 0.17 24.57
N SER A 117 -10.46 0.18 24.54
CA SER A 117 -11.58 -0.79 24.48
CA SER A 117 -11.59 -0.75 24.44
C SER A 117 -11.41 -1.76 23.31
C SER A 117 -11.39 -1.76 23.31
N VAL A 118 -10.84 -1.31 22.18
CA VAL A 118 -10.58 -2.18 21.03
C VAL A 118 -9.50 -3.21 21.43
N SER A 119 -8.43 -2.77 22.14
CA SER A 119 -7.34 -3.62 22.65
C SER A 119 -7.92 -4.67 23.62
N HIS A 120 -8.84 -4.22 24.50
CA HIS A 120 -9.45 -5.17 25.45
C HIS A 120 -10.24 -6.26 24.71
N PHE A 121 -10.92 -5.91 23.60
CA PHE A 121 -11.65 -6.91 22.82
C PHE A 121 -10.69 -7.93 22.22
N CYS A 122 -9.51 -7.46 21.75
CA CYS A 122 -8.51 -8.39 21.20
C CYS A 122 -8.12 -9.43 22.28
N TYR A 123 -7.90 -8.94 23.51
CA TYR A 123 -7.58 -9.79 24.66
C TYR A 123 -8.75 -10.79 24.88
N LEU A 124 -10.03 -10.32 24.80
CA LEU A 124 -11.20 -11.21 24.95
C LEU A 124 -11.20 -12.32 23.91
N LEU A 125 -10.84 -11.99 22.65
CA LEU A 125 -10.79 -13.00 21.58
C LEU A 125 -9.73 -14.06 21.94
N TYR A 126 -8.56 -13.62 22.45
CA TYR A 126 -7.48 -14.52 22.85
C TYR A 126 -7.97 -15.44 24.00
N LYS A 127 -8.62 -14.85 25.00
CA LYS A 127 -9.09 -15.61 26.18
C LYS A 127 -10.29 -16.54 25.93
N ASN A 128 -11.19 -16.17 25.02
CA ASN A 128 -12.42 -16.92 24.78
C ASN A 128 -12.46 -17.81 23.58
N LEU A 129 -11.79 -17.41 22.50
CA LEU A 129 -11.76 -18.20 21.27
C LEU A 129 -10.41 -18.94 21.31
N GLU A 130 -10.19 -19.91 20.46
CA GLU A 130 -8.90 -20.58 20.60
C GLU A 130 -7.95 -20.04 19.54
N LEU A 131 -7.60 -18.72 19.65
CA LEU A 131 -6.75 -18.02 18.67
C LEU A 131 -5.46 -18.72 18.33
N THR A 132 -4.75 -19.27 19.36
CA THR A 132 -3.48 -19.99 19.20
C THR A 132 -3.63 -21.22 18.27
N ASN A 133 -4.86 -21.69 18.01
CA ASN A 133 -5.14 -22.81 17.12
C ASN A 133 -5.39 -22.34 15.68
N TYR A 134 -5.41 -21.00 15.44
CA TYR A 134 -5.67 -20.43 14.11
C TYR A 134 -4.52 -19.55 13.61
N LEU A 135 -3.90 -18.78 14.54
CA LEU A 135 -2.83 -17.82 14.24
C LEU A 135 -1.57 -18.08 15.01
N GLU A 136 -0.42 -17.59 14.49
CA GLU A 136 0.88 -17.70 15.14
C GLU A 136 0.87 -16.71 16.29
N ASP A 137 1.70 -16.96 17.32
CA ASP A 137 1.82 -16.06 18.49
C ASP A 137 2.23 -14.64 18.09
N ILE A 138 3.08 -14.51 17.08
CA ILE A 138 3.56 -13.20 16.61
C ILE A 138 2.41 -12.40 15.97
N GLU A 139 1.48 -13.09 15.29
CA GLU A 139 0.32 -12.49 14.64
C GLU A 139 -0.66 -11.99 15.70
N ILE A 140 -0.82 -12.77 16.80
CA ILE A 140 -1.73 -12.35 17.88
C ILE A 140 -1.14 -11.12 18.57
N PHE A 141 0.18 -11.13 18.83
CA PHE A 141 0.89 -10.03 19.45
C PHE A 141 0.77 -8.77 18.60
N ALA A 142 0.98 -8.90 17.28
CA ALA A 142 0.87 -7.74 16.37
C ALA A 142 -0.58 -7.24 16.35
N LEU A 143 -1.56 -8.16 16.40
CA LEU A 143 -2.97 -7.74 16.42
C LEU A 143 -3.23 -6.86 17.64
N PHE A 144 -2.74 -7.26 18.82
CA PHE A 144 -2.95 -6.49 20.05
C PHE A 144 -2.28 -5.11 19.98
N ILE A 145 -1.01 -5.07 19.57
CA ILE A 145 -0.29 -3.80 19.47
C ILE A 145 -0.96 -2.90 18.45
N SER A 146 -1.40 -3.48 17.32
CA SER A 146 -2.13 -2.73 16.27
C SER A 146 -3.42 -2.17 16.83
N CYS A 147 -4.16 -2.93 17.67
CA CYS A 147 -5.37 -2.40 18.31
C CYS A 147 -5.07 -1.14 19.09
N MET A 148 -3.99 -1.16 19.87
CA MET A 148 -3.59 0.01 20.66
C MET A 148 -3.32 1.26 19.80
N CYS A 149 -2.67 1.02 18.63
CA CYS A 149 -2.19 2.10 17.75
C CYS A 149 -3.10 2.48 16.61
N HIS A 150 -4.12 1.68 16.35
CA HIS A 150 -4.87 1.74 15.10
C HIS A 150 -5.56 3.05 14.76
N ASP A 151 -5.82 3.96 15.72
CA ASP A 151 -6.45 5.25 15.40
C ASP A 151 -5.59 6.43 15.87
N LEU A 152 -4.28 6.19 16.07
CA LEU A 152 -3.39 7.22 16.61
C LEU A 152 -3.52 8.56 15.91
N ASP A 153 -3.64 9.63 16.70
CA ASP A 153 -3.68 10.99 16.15
C ASP A 153 -4.89 11.26 15.26
N HIS A 154 -6.00 10.51 15.48
CA HIS A 154 -7.22 10.72 14.71
C HIS A 154 -7.73 12.17 14.99
N ARG A 155 -8.25 12.85 13.96
CA ARG A 155 -8.70 14.24 14.02
C ARG A 155 -10.20 14.39 14.14
N GLY A 156 -10.91 13.28 14.30
CA GLY A 156 -12.37 13.34 14.41
C GLY A 156 -13.01 13.54 13.05
N THR A 157 -12.26 13.32 11.96
CA THR A 157 -12.76 13.46 10.59
C THR A 157 -12.40 12.20 9.81
N ASN A 158 -13.19 11.90 8.77
CA ASN A 158 -12.95 10.71 7.95
C ASN A 158 -11.95 10.95 6.82
N ASN A 159 -11.76 9.93 5.97
CA ASN A 159 -10.80 10.06 4.87
C ASN A 159 -11.28 11.07 3.82
N SER A 160 -12.58 11.07 3.48
CA SER A 160 -13.14 12.03 2.48
C SER A 160 -12.88 13.48 2.92
N PHE A 161 -13.00 13.74 4.23
CA PHE A 161 -12.71 15.08 4.73
C PHE A 161 -11.27 15.48 4.50
N GLN A 162 -10.31 14.53 4.66
CA GLN A 162 -8.90 14.85 4.45
C GLN A 162 -8.65 15.32 3.03
N VAL A 163 -9.23 14.61 2.06
CA VAL A 163 -9.12 14.96 0.64
C VAL A 163 -9.76 16.36 0.39
N ALA A 164 -10.99 16.58 0.90
CA ALA A 164 -11.74 17.84 0.73
C ALA A 164 -11.04 19.07 1.31
N SER A 165 -10.50 18.95 2.54
CA SER A 165 -9.81 20.04 3.20
C SER A 165 -8.39 20.24 2.68
N LYS A 166 -7.96 19.40 1.70
CA LYS A 166 -6.62 19.39 1.07
C LYS A 166 -5.54 19.35 2.14
N SER A 167 -5.73 18.48 3.14
CA SER A 167 -4.83 18.36 4.28
C SER A 167 -3.45 17.84 3.93
N VAL A 168 -2.47 18.05 4.83
CA VAL A 168 -1.13 17.53 4.61
C VAL A 168 -1.20 16.00 4.61
N LEU A 169 -2.14 15.38 5.40
CA LEU A 169 -2.26 13.93 5.38
C LEU A 169 -2.74 13.45 4.02
N ALA A 170 -3.72 14.16 3.41
CA ALA A 170 -4.19 13.77 2.08
C ALA A 170 -3.08 13.99 1.06
N ALA A 171 -2.30 15.09 1.21
CA ALA A 171 -1.19 15.37 0.28
C ALA A 171 -0.20 14.20 0.28
N LEU A 172 0.10 13.66 1.48
CA LEU A 172 1.03 12.55 1.67
C LEU A 172 0.52 11.21 1.20
N TYR A 173 -0.76 10.87 1.53
CA TYR A 173 -1.30 9.54 1.28
C TYR A 173 -2.49 9.33 0.36
N SER A 174 -3.24 10.36 -0.03
CA SER A 174 -4.46 10.14 -0.82
C SER A 174 -4.28 9.36 -2.11
N SER A 175 -3.16 9.55 -2.81
CA SER A 175 -2.95 8.84 -4.07
C SER A 175 -2.84 7.32 -3.87
N GLU A 176 -2.48 6.86 -2.65
CA GLU A 176 -2.28 5.44 -2.36
C GLU A 176 -3.45 4.78 -1.64
N GLY A 177 -4.41 5.61 -1.16
CA GLY A 177 -5.61 5.16 -0.45
C GLY A 177 -5.46 5.15 1.06
N SER A 178 -6.60 5.10 1.79
CA SER A 178 -6.67 5.01 3.26
C SER A 178 -5.78 6.04 3.95
N VAL A 179 -6.07 7.33 3.70
CA VAL A 179 -5.28 8.43 4.26
C VAL A 179 -5.04 8.32 5.78
N MET A 180 -6.13 8.25 6.55
CA MET A 180 -5.96 8.22 8.02
C MET A 180 -5.23 7.01 8.49
N GLU A 181 -5.55 5.84 7.93
CA GLU A 181 -4.94 4.58 8.36
C GLU A 181 -3.42 4.55 8.09
N ARG A 182 -2.99 5.14 6.95
CA ARG A 182 -1.55 5.24 6.66
C ARG A 182 -0.92 6.15 7.73
N HIS A 183 -1.63 7.21 8.12
CA HIS A 183 -1.13 8.10 9.16
C HIS A 183 -1.05 7.39 10.52
N HIS A 184 -2.09 6.63 10.89
CA HIS A 184 -2.06 5.90 12.18
C HIS A 184 -0.82 4.99 12.24
N PHE A 185 -0.54 4.26 11.15
CA PHE A 185 0.63 3.37 11.11
C PHE A 185 1.93 4.20 11.21
N ALA A 186 2.01 5.33 10.49
CA ALA A 186 3.20 6.19 10.55
C ALA A 186 3.44 6.68 11.98
N GLN A 187 2.35 7.04 12.71
CA GLN A 187 2.45 7.50 14.08
C GLN A 187 2.96 6.38 15.00
N ALA A 188 2.48 5.15 14.78
CA ALA A 188 2.91 3.97 15.54
C ALA A 188 4.42 3.73 15.37
N ILE A 189 4.88 3.80 14.12
CA ILE A 189 6.32 3.66 13.78
C ILE A 189 7.15 4.77 14.45
N ALA A 190 6.63 6.00 14.49
CA ALA A 190 7.31 7.14 15.10
C ALA A 190 7.49 6.91 16.60
N ILE A 191 6.50 6.24 17.25
CA ILE A 191 6.62 5.93 18.68
C ILE A 191 7.73 4.87 18.86
N LEU A 192 7.74 3.85 18.02
CA LEU A 192 8.76 2.78 18.11
C LEU A 192 10.15 3.38 17.95
N ASN A 193 10.28 4.43 17.13
CA ASN A 193 11.55 5.12 16.86
C ASN A 193 11.92 6.16 17.91
N THR A 194 11.09 6.34 18.96
CA THR A 194 11.35 7.28 20.03
C THR A 194 12.23 6.58 21.06
N HIS A 195 13.34 7.23 21.46
CA HIS A 195 14.30 6.73 22.44
C HIS A 195 13.57 6.16 23.67
N GLY A 196 13.87 4.92 24.02
CA GLY A 196 13.32 4.22 25.18
C GLY A 196 11.93 3.65 25.05
N CYS A 197 11.33 3.69 23.83
CA CYS A 197 9.96 3.20 23.58
C CYS A 197 9.91 2.01 22.66
N ASN A 198 11.05 1.60 22.13
CA ASN A 198 11.07 0.49 21.19
C ASN A 198 10.94 -0.88 21.85
N ILE A 199 9.68 -1.37 21.99
CA ILE A 199 9.39 -2.66 22.59
C ILE A 199 9.88 -3.86 21.75
N PHE A 200 10.26 -3.64 20.48
CA PHE A 200 10.75 -4.72 19.59
C PHE A 200 12.25 -4.56 19.34
N ASP A 201 12.92 -3.68 20.09
CA ASP A 201 14.33 -3.35 19.88
C ASP A 201 15.27 -4.57 19.76
N HIS A 202 15.08 -5.58 20.61
CA HIS A 202 15.91 -6.79 20.66
C HIS A 202 15.53 -7.88 19.67
N PHE A 203 14.42 -7.70 18.91
CA PHE A 203 14.00 -8.70 17.92
C PHE A 203 15.04 -8.78 16.81
N SER A 204 15.12 -9.93 16.15
CA SER A 204 16.02 -10.13 15.01
C SER A 204 15.52 -9.20 13.92
N ARG A 205 16.37 -8.81 12.95
CA ARG A 205 15.98 -7.92 11.86
C ARG A 205 14.76 -8.49 11.10
N LYS A 206 14.73 -9.83 10.90
CA LYS A 206 13.62 -10.51 10.25
C LYS A 206 12.31 -10.38 11.07
N ASP A 207 12.37 -10.62 12.39
CA ASP A 207 11.17 -10.52 13.26
C ASP A 207 10.71 -9.07 13.42
N TYR A 208 11.66 -8.13 13.43
CA TYR A 208 11.35 -6.70 13.54
C TYR A 208 10.55 -6.29 12.30
N GLN A 209 11.05 -6.69 11.11
CA GLN A 209 10.35 -6.40 9.89
C GLN A 209 8.98 -7.08 9.85
N ARG A 210 8.88 -8.34 10.33
CA ARG A 210 7.59 -9.07 10.34
C ARG A 210 6.56 -8.26 11.16
N MET A 211 6.99 -7.68 12.31
CA MET A 211 6.09 -6.86 13.15
C MET A 211 5.61 -5.64 12.38
N LEU A 212 6.53 -4.95 11.69
CA LEU A 212 6.12 -3.75 10.91
C LEU A 212 5.12 -4.11 9.81
N ASP A 213 5.35 -5.23 9.10
CA ASP A 213 4.46 -5.66 8.01
C ASP A 213 3.10 -6.02 8.56
N LEU A 214 3.05 -6.75 9.68
CA LEU A 214 1.78 -7.14 10.29
C LEU A 214 1.01 -5.91 10.77
N MET A 215 1.70 -4.98 11.46
CA MET A 215 1.07 -3.73 11.93
C MET A 215 0.53 -2.93 10.75
N ARG A 216 1.27 -2.89 9.63
CA ARG A 216 0.79 -2.16 8.46
C ARG A 216 -0.50 -2.77 7.92
N ASP A 217 -0.50 -4.08 7.68
CA ASP A 217 -1.65 -4.77 7.12
C ASP A 217 -2.85 -4.69 8.05
N ILE A 218 -2.63 -4.86 9.36
CA ILE A 218 -3.73 -4.86 10.33
C ILE A 218 -4.35 -3.47 10.45
N ILE A 219 -3.49 -2.42 10.56
CA ILE A 219 -4.04 -1.07 10.67
C ILE A 219 -4.77 -0.66 9.38
N LEU A 220 -4.21 -1.02 8.20
CA LEU A 220 -4.89 -0.70 6.94
C LEU A 220 -6.24 -1.44 6.82
N ALA A 221 -6.40 -2.59 7.53
CA ALA A 221 -7.67 -3.34 7.50
C ALA A 221 -8.83 -2.58 8.21
N THR A 222 -8.51 -1.52 9.01
CA THR A 222 -9.53 -0.73 9.73
C THR A 222 -10.24 0.29 8.82
N ASP A 223 -9.77 0.44 7.56
CA ASP A 223 -10.48 1.35 6.65
C ASP A 223 -11.69 0.55 6.16
N LEU A 224 -12.92 1.06 6.41
CA LEU A 224 -14.14 0.38 5.97
C LEU A 224 -14.09 0.05 4.46
N ALA A 225 -13.49 0.95 3.65
CA ALA A 225 -13.38 0.72 2.21
C ALA A 225 -12.64 -0.60 1.93
N HIS A 226 -11.62 -0.93 2.76
CA HIS A 226 -10.83 -2.18 2.60
C HIS A 226 -11.69 -3.38 2.94
N HIS A 227 -12.43 -3.30 4.07
CA HIS A 227 -13.35 -4.37 4.49
C HIS A 227 -14.35 -4.67 3.34
N LEU A 228 -15.00 -3.61 2.77
CA LEU A 228 -15.95 -3.71 1.65
C LEU A 228 -15.32 -4.47 0.46
N ARG A 229 -14.05 -4.17 0.14
CA ARG A 229 -13.32 -4.79 -0.99
C ARG A 229 -12.98 -6.25 -0.77
N ILE A 230 -12.75 -6.68 0.49
CA ILE A 230 -12.35 -8.06 0.81
C ILE A 230 -13.49 -8.93 1.36
N PHE A 231 -14.69 -8.36 1.59
CA PHE A 231 -15.84 -9.09 2.16
C PHE A 231 -16.07 -10.45 1.50
N LYS A 232 -16.16 -10.49 0.16
CA LYS A 232 -16.39 -11.72 -0.61
C LYS A 232 -15.36 -12.81 -0.31
N ASP A 233 -14.09 -12.42 -0.08
CA ASP A 233 -13.00 -13.35 0.26
C ASP A 233 -13.12 -13.86 1.69
N LEU A 234 -13.63 -13.02 2.62
CA LEU A 234 -13.84 -13.44 4.00
C LEU A 234 -14.99 -14.46 4.01
N GLN A 235 -16.04 -14.17 3.21
CA GLN A 235 -17.25 -14.98 3.02
C GLN A 235 -16.86 -16.39 2.51
N LYS A 236 -15.96 -16.44 1.50
CA LYS A 236 -15.45 -17.69 0.91
C LYS A 236 -14.60 -18.50 1.90
N MET A 237 -13.77 -17.82 2.74
CA MET A 237 -12.93 -18.47 3.74
C MET A 237 -13.79 -19.22 4.77
N ALA A 238 -14.91 -18.60 5.19
CA ALA A 238 -15.86 -19.16 6.16
C ALA A 238 -16.69 -20.28 5.50
N GLU A 239 -16.91 -20.17 4.17
CA GLU A 239 -17.67 -21.14 3.37
C GLU A 239 -16.85 -22.43 3.21
N VAL A 240 -15.59 -22.30 2.75
CA VAL A 240 -14.63 -23.39 2.51
C VAL A 240 -14.13 -24.00 3.83
N GLY A 241 -13.82 -23.14 4.80
CA GLY A 241 -13.31 -23.53 6.10
C GLY A 241 -11.91 -22.99 6.30
N TYR A 242 -11.60 -22.57 7.53
CA TYR A 242 -10.29 -22.01 7.85
C TYR A 242 -9.17 -23.02 7.77
N ASP A 243 -8.18 -22.72 6.92
CA ASP A 243 -7.01 -23.53 6.71
C ASP A 243 -5.79 -22.83 7.31
N ARG A 244 -5.31 -23.34 8.46
CA ARG A 244 -4.15 -22.80 9.18
C ARG A 244 -2.83 -22.87 8.41
N ASN A 245 -2.76 -23.66 7.31
CA ASN A 245 -1.55 -23.78 6.50
C ASN A 245 -1.55 -22.78 5.33
N ASN A 246 -2.69 -22.11 5.13
CA ASN A 246 -2.88 -21.10 4.08
C ASN A 246 -2.54 -19.70 4.65
N LYS A 247 -1.41 -19.12 4.19
CA LYS A 247 -0.93 -17.80 4.60
C LYS A 247 -1.95 -16.69 4.34
N GLN A 248 -2.74 -16.81 3.25
CA GLN A 248 -3.77 -15.84 2.87
C GLN A 248 -4.94 -15.91 3.87
N HIS A 249 -5.25 -17.13 4.38
CA HIS A 249 -6.32 -17.34 5.38
C HIS A 249 -5.95 -16.62 6.69
N HIS A 250 -4.64 -16.61 7.05
CA HIS A 250 -4.09 -15.93 8.23
C HIS A 250 -4.28 -14.41 8.05
N ARG A 251 -3.92 -13.88 6.85
CA ARG A 251 -4.08 -12.46 6.49
C ARG A 251 -5.54 -12.03 6.55
N LEU A 252 -6.45 -12.81 5.92
CA LEU A 252 -7.88 -12.52 5.93
C LEU A 252 -8.47 -12.57 7.34
N LEU A 253 -8.08 -13.58 8.14
CA LEU A 253 -8.59 -13.72 9.52
C LEU A 253 -8.15 -12.50 10.35
N LEU A 254 -6.90 -12.07 10.20
CA LEU A 254 -6.41 -10.89 10.94
C LEU A 254 -7.22 -9.66 10.60
N CYS A 255 -7.62 -9.51 9.33
CA CYS A 255 -8.44 -8.38 8.87
C CYS A 255 -9.79 -8.45 9.56
N LEU A 256 -10.41 -9.64 9.54
CA LEU A 256 -11.72 -9.85 10.15
C LEU A 256 -11.65 -9.59 11.66
N LEU A 257 -10.63 -10.15 12.35
CA LEU A 257 -10.48 -9.96 13.80
C LEU A 257 -10.31 -8.49 14.14
N MET A 258 -9.47 -7.78 13.37
CA MET A 258 -9.23 -6.37 13.63
C MET A 258 -10.56 -5.59 13.52
N THR A 259 -11.35 -5.81 12.42
CA THR A 259 -12.63 -5.08 12.29
C THR A 259 -13.59 -5.47 13.43
N SER A 260 -13.57 -6.76 13.89
CA SER A 260 -14.44 -7.16 15.00
C SER A 260 -14.03 -6.43 16.29
N CYS A 261 -12.74 -6.14 16.48
CA CYS A 261 -12.30 -5.37 17.66
C CYS A 261 -12.75 -3.92 17.51
N ASP A 262 -12.59 -3.34 16.30
CA ASP A 262 -12.93 -1.93 16.05
C ASP A 262 -14.41 -1.61 16.26
N LEU A 263 -15.29 -2.61 16.06
CA LEU A 263 -16.73 -2.42 16.19
C LEU A 263 -17.27 -3.03 17.47
N SER A 264 -16.38 -3.51 18.36
CA SER A 264 -16.80 -4.26 19.55
C SER A 264 -17.69 -3.52 20.53
N ASP A 265 -17.78 -2.18 20.48
CA ASP A 265 -18.74 -1.50 21.37
C ASP A 265 -20.17 -1.98 21.06
N GLN A 266 -20.43 -2.45 19.83
CA GLN A 266 -21.77 -2.93 19.44
C GLN A 266 -22.16 -4.31 20.03
N THR A 267 -21.18 -5.01 20.65
CA THR A 267 -21.39 -6.34 21.25
C THR A 267 -21.70 -6.23 22.74
N LYS A 268 -21.75 -5.01 23.27
CA LYS A 268 -22.01 -4.79 24.70
C LYS A 268 -23.52 -4.61 24.92
N GLY A 269 -23.92 -4.13 26.08
CA GLY A 269 -25.33 -3.96 26.37
C GLY A 269 -25.93 -2.77 25.64
N TRP A 270 -27.27 -2.67 25.67
CA TRP A 270 -27.96 -1.56 25.00
C TRP A 270 -27.48 -0.18 25.48
N LYS A 271 -27.19 -0.02 26.79
CA LYS A 271 -26.74 1.26 27.33
C LYS A 271 -25.42 1.71 26.69
N THR A 272 -24.51 0.74 26.46
CA THR A 272 -23.23 1.02 25.81
C THR A 272 -23.48 1.45 24.36
N THR A 273 -24.31 0.67 23.62
CA THR A 273 -24.67 0.98 22.23
C THR A 273 -25.25 2.39 22.10
N ARG A 274 -26.19 2.75 23.01
CA ARG A 274 -26.82 4.06 23.00
C ARG A 274 -25.78 5.18 23.23
N LYS A 275 -24.92 5.01 24.24
CA LYS A 275 -23.91 6.03 24.53
C LYS A 275 -22.92 6.17 23.38
N ILE A 276 -22.54 5.05 22.74
CA ILE A 276 -21.56 5.13 21.65
C ILE A 276 -22.20 5.79 20.42
N ALA A 277 -23.54 5.62 20.22
CA ALA A 277 -24.19 6.32 19.12
C ALA A 277 -24.10 7.82 19.38
N GLU A 278 -24.30 8.27 20.66
CA GLU A 278 -24.20 9.67 21.04
CA GLU A 278 -24.18 9.68 21.07
C GLU A 278 -22.79 10.21 20.71
N LEU A 279 -21.74 9.46 21.08
CA LEU A 279 -20.37 9.88 20.82
C LEU A 279 -20.06 9.93 19.34
N ILE A 280 -20.42 8.86 18.61
CA ILE A 280 -20.19 8.81 17.15
C ILE A 280 -20.84 9.98 16.44
N TYR A 281 -22.13 10.22 16.73
CA TYR A 281 -22.83 11.30 16.02
C TYR A 281 -22.40 12.70 16.48
N LYS A 282 -21.97 12.89 17.75
CA LYS A 282 -21.46 14.20 18.14
C LYS A 282 -20.20 14.45 17.26
N GLU A 283 -19.36 13.40 17.10
CA GLU A 283 -18.16 13.56 16.28
C GLU A 283 -18.49 13.80 14.79
N PHE A 284 -19.35 12.94 14.22
CA PHE A 284 -19.73 13.06 12.82
C PHE A 284 -20.42 14.39 12.51
N PHE A 285 -21.34 14.84 13.40
CA PHE A 285 -22.05 16.10 13.17
C PHE A 285 -21.12 17.30 13.25
N SER A 286 -20.07 17.24 14.11
CA SER A 286 -19.07 18.32 14.17
C SER A 286 -18.32 18.38 12.83
N GLN A 287 -17.98 17.22 12.19
CA GLN A 287 -17.38 17.22 10.86
C GLN A 287 -18.34 17.88 9.85
N GLY A 288 -19.61 17.48 9.88
CA GLY A 288 -20.63 18.07 8.99
C GLY A 288 -20.72 19.58 9.13
N ASP A 289 -20.69 20.09 10.38
CA ASP A 289 -20.74 21.53 10.66
C ASP A 289 -19.53 22.21 10.05
N LEU A 290 -18.35 21.58 10.21
CA LEU A 290 -17.11 22.13 9.65
C LEU A 290 -17.17 22.17 8.10
N GLU A 291 -17.68 21.08 7.46
CA GLU A 291 -17.83 21.04 5.98
C GLU A 291 -18.74 22.16 5.53
N LYS A 292 -19.87 22.40 6.25
CA LYS A 292 -20.80 23.51 5.91
C LYS A 292 -20.08 24.85 5.99
N ALA A 293 -19.25 25.07 7.05
CA ALA A 293 -18.46 26.30 7.23
C ALA A 293 -17.45 26.52 6.09
N MET A 294 -17.04 25.41 5.43
CA MET A 294 -16.11 25.43 4.29
C MET A 294 -16.86 25.66 2.96
N GLY A 295 -18.19 25.73 3.03
CA GLY A 295 -19.05 25.93 1.87
C GLY A 295 -19.35 24.66 1.09
N ASN A 296 -19.22 23.48 1.74
CA ASN A 296 -19.46 22.19 1.14
C ASN A 296 -20.62 21.50 1.80
N ARG A 297 -21.33 20.68 1.03
CA ARG A 297 -22.47 19.95 1.55
C ARG A 297 -21.99 18.61 2.11
N PRO A 298 -22.22 18.35 3.42
CA PRO A 298 -21.79 17.06 3.98
C PRO A 298 -22.69 15.89 3.57
N MET A 299 -22.20 14.64 3.77
CA MET A 299 -22.97 13.40 3.55
C MET A 299 -24.15 13.53 4.55
N GLU A 300 -25.31 12.97 4.22
CA GLU A 300 -26.48 13.03 5.10
C GLU A 300 -26.17 12.53 6.54
N MET A 301 -25.41 11.43 6.65
CA MET A 301 -25.08 10.86 7.97
C MET A 301 -24.25 11.78 8.87
N MET A 302 -23.59 12.79 8.27
CA MET A 302 -22.75 13.75 9.03
C MET A 302 -23.47 15.08 9.22
N ASP A 303 -24.72 15.17 8.73
CA ASP A 303 -25.46 16.42 8.77
C ASP A 303 -26.54 16.34 9.83
N ARG A 304 -26.40 17.11 10.93
CA ARG A 304 -27.33 17.13 12.05
C ARG A 304 -28.74 17.58 11.65
N GLU A 305 -28.85 18.22 10.45
CA GLU A 305 -30.15 18.67 9.93
C GLU A 305 -30.83 17.61 9.06
N LYS A 306 -30.15 16.50 8.74
CA LYS A 306 -30.74 15.47 7.90
C LYS A 306 -30.71 14.06 8.51
N ALA A 307 -29.62 13.74 9.23
CA ALA A 307 -29.45 12.43 9.81
C ALA A 307 -30.55 12.00 10.77
N TYR A 308 -31.07 10.77 10.61
CA TYR A 308 -32.04 10.23 11.57
C TYR A 308 -31.27 9.03 12.14
N ILE A 309 -30.77 9.18 13.36
CA ILE A 309 -29.85 8.24 14.03
C ILE A 309 -30.39 6.79 14.09
N PRO A 310 -31.63 6.51 14.55
CA PRO A 310 -32.07 5.10 14.58
C PRO A 310 -31.99 4.41 13.21
N GLU A 311 -32.43 5.06 12.11
CA GLU A 311 -32.40 4.47 10.75
C GLU A 311 -30.95 4.25 10.32
N LEU A 312 -30.07 5.23 10.61
CA LEU A 312 -28.66 5.12 10.25
C LEU A 312 -27.99 3.96 10.99
N GLN A 313 -28.30 3.82 12.28
CA GLN A 313 -27.74 2.74 13.09
C GLN A 313 -28.29 1.39 12.68
N ILE A 314 -29.59 1.30 12.34
CA ILE A 314 -30.14 0.03 11.87
C ILE A 314 -29.40 -0.41 10.59
N SER A 315 -29.20 0.52 9.63
N SER A 315 -29.21 0.51 9.62
CA SER A 315 -28.51 0.28 8.35
CA SER A 315 -28.51 0.23 8.36
C SER A 315 -27.06 -0.13 8.60
C SER A 315 -27.06 -0.17 8.64
N PHE A 316 -26.37 0.56 9.55
CA PHE A 316 -24.98 0.26 9.89
C PHE A 316 -24.87 -1.12 10.51
N MET A 317 -25.79 -1.47 11.41
CA MET A 317 -25.80 -2.77 12.07
CA MET A 317 -25.73 -2.77 12.05
C MET A 317 -26.05 -3.90 11.07
N GLU A 318 -27.03 -3.69 10.17
CA GLU A 318 -27.39 -4.68 9.15
C GLU A 318 -26.29 -4.90 8.11
N HIS A 319 -25.70 -3.81 7.57
CA HIS A 319 -24.69 -3.92 6.50
C HIS A 319 -23.25 -4.10 6.97
N ILE A 320 -22.89 -3.49 8.09
CA ILE A 320 -21.49 -3.54 8.54
C ILE A 320 -21.23 -4.44 9.74
N ALA A 321 -21.83 -4.14 10.90
CA ALA A 321 -21.50 -4.92 12.11
C ALA A 321 -22.00 -6.37 12.12
N MET A 322 -23.28 -6.59 11.85
CA MET A 322 -23.85 -7.96 11.87
C MET A 322 -23.09 -8.94 10.95
N PRO A 323 -22.78 -8.59 9.68
CA PRO A 323 -22.01 -9.53 8.83
C PRO A 323 -20.63 -9.88 9.36
N ILE A 324 -19.94 -8.91 10.00
CA ILE A 324 -18.64 -9.19 10.59
C ILE A 324 -18.79 -10.21 11.72
N TYR A 325 -19.79 -10.02 12.62
CA TYR A 325 -19.92 -10.94 13.74
C TYR A 325 -20.50 -12.29 13.29
N LYS A 326 -21.28 -12.31 12.19
CA LYS A 326 -21.79 -13.59 11.65
C LYS A 326 -20.60 -14.39 11.08
N LEU A 327 -19.64 -13.72 10.39
CA LEU A 327 -18.44 -14.37 9.87
C LEU A 327 -17.62 -14.93 11.02
N LEU A 328 -17.49 -14.16 12.12
CA LEU A 328 -16.76 -14.57 13.33
C LEU A 328 -17.41 -15.83 13.94
N GLN A 329 -18.75 -15.88 13.98
CA GLN A 329 -19.56 -17.00 14.51
C GLN A 329 -19.32 -18.24 13.62
N ASP A 330 -19.25 -18.05 12.28
CA ASP A 330 -19.04 -19.14 11.31
C ASP A 330 -17.68 -19.81 11.48
N LEU A 331 -16.63 -19.02 11.82
CA LEU A 331 -15.28 -19.53 12.03
C LEU A 331 -15.05 -20.02 13.47
N PHE A 332 -15.68 -19.37 14.45
CA PHE A 332 -15.53 -19.71 15.86
C PHE A 332 -16.91 -19.92 16.52
N PRO A 333 -17.36 -21.17 16.79
CA PRO A 333 -18.68 -21.36 17.41
C PRO A 333 -18.91 -20.60 18.73
N LYS A 334 -17.84 -20.44 19.54
CA LYS A 334 -17.97 -19.71 20.82
C LYS A 334 -18.30 -18.21 20.63
N ALA A 335 -18.23 -17.69 19.39
CA ALA A 335 -18.53 -16.28 19.10
C ALA A 335 -20.02 -16.01 18.82
N ALA A 336 -20.88 -17.05 18.91
CA ALA A 336 -22.32 -16.94 18.66
C ALA A 336 -22.99 -15.84 19.46
N GLU A 337 -22.65 -15.72 20.76
CA GLU A 337 -23.24 -14.69 21.65
C GLU A 337 -22.97 -13.26 21.16
N LEU A 338 -21.83 -13.04 20.46
CA LEU A 338 -21.48 -11.71 19.95
C LEU A 338 -22.45 -11.31 18.85
N TYR A 339 -22.70 -12.22 17.89
CA TYR A 339 -23.63 -11.94 16.80
C TYR A 339 -25.03 -11.72 17.37
N GLU A 340 -25.48 -12.58 18.30
CA GLU A 340 -26.81 -12.43 18.91
C GLU A 340 -26.95 -11.08 19.62
N ARG A 341 -25.89 -10.62 20.31
CA ARG A 341 -25.94 -9.32 20.98
C ARG A 341 -26.07 -8.18 19.96
N VAL A 342 -25.30 -8.23 18.85
CA VAL A 342 -25.35 -7.22 17.81
C VAL A 342 -26.75 -7.18 17.20
N ALA A 343 -27.32 -8.36 16.85
CA ALA A 343 -28.68 -8.46 16.28
C ALA A 343 -29.72 -7.88 17.26
N SER A 344 -29.59 -8.19 18.56
CA SER A 344 -30.49 -7.68 19.59
C SER A 344 -30.38 -6.15 19.68
N ASN A 345 -29.14 -5.59 19.67
CA ASN A 345 -29.00 -4.14 19.73
C ASN A 345 -29.64 -3.50 18.51
N ARG A 346 -29.59 -4.17 17.33
CA ARG A 346 -30.23 -3.65 16.12
C ARG A 346 -31.75 -3.60 16.33
N GLU A 347 -32.33 -4.65 16.93
CA GLU A 347 -33.78 -4.71 17.19
C GLU A 347 -34.19 -3.60 18.19
N HIS A 348 -33.32 -3.29 19.16
CA HIS A 348 -33.59 -2.23 20.13
C HIS A 348 -33.77 -0.86 19.46
N TRP A 349 -33.01 -0.57 18.38
CA TRP A 349 -33.15 0.70 17.66
C TRP A 349 -34.54 0.83 17.03
N THR A 350 -35.05 -0.28 16.44
CA THR A 350 -36.39 -0.28 15.81
C THR A 350 -37.46 0.08 16.87
N LYS A 351 -37.39 -0.60 18.03
CA LYS A 351 -38.32 -0.43 19.16
C LYS A 351 -38.25 0.94 19.84
N VAL A 352 -37.08 1.60 19.81
CA VAL A 352 -36.88 2.91 20.44
C VAL A 352 -37.16 4.10 19.47
N SER A 353 -37.16 3.83 18.13
CA SER A 353 -37.40 4.83 17.08
C SER A 353 -38.75 5.55 17.24
N HIS A 354 -39.75 4.88 17.84
CA HIS A 354 -41.08 5.47 18.09
C HIS A 354 -40.98 6.67 19.05
N LYS A 355 -40.00 6.64 19.99
CA LYS A 355 -39.74 7.68 20.98
C LYS A 355 -38.71 8.73 20.52
N PHE A 356 -37.98 8.47 19.42
CA PHE A 356 -36.95 9.35 18.82
C PHE A 356 -37.59 9.93 17.56
N THR A 357 -38.18 11.10 17.66
CA THR A 357 -38.94 11.72 16.56
C THR A 357 -38.21 12.86 15.87
N ILE A 358 -36.90 13.01 16.12
CA ILE A 358 -36.18 14.14 15.54
C ILE A 358 -34.95 13.72 14.75
N ARG A 359 -34.49 14.61 13.86
CA ARG A 359 -33.26 14.43 13.12
C ARG A 359 -32.17 14.97 14.07
N GLY A 360 -30.93 14.48 13.89
CA GLY A 360 -29.81 14.90 14.72
C GLY A 360 -29.90 14.42 16.15
N LEU A 361 -29.31 15.18 17.05
CA LEU A 361 -29.31 14.91 18.48
C LEU A 361 -30.13 15.98 19.21
N PRO A 362 -30.63 15.67 20.42
CA PRO A 362 -31.36 16.70 21.21
C PRO A 362 -30.43 17.87 21.53
N SER A 363 -30.98 19.00 21.99
CA SER A 363 -30.23 20.22 22.32
C SER A 363 -29.02 19.96 23.25
N ASN A 364 -29.16 19.01 24.21
CA ASN A 364 -28.10 18.65 25.17
C ASN A 364 -27.17 17.52 24.70
N ASN A 365 -27.24 17.11 23.39
CA ASN A 365 -26.43 16.03 22.81
C ASN A 365 -26.55 14.67 23.50
N SER A 366 -27.58 14.47 24.34
CA SER A 366 -27.76 13.22 25.07
C SER A 366 -28.91 12.38 24.58
N LEU A 367 -28.73 11.04 24.60
CA LEU A 367 -29.79 10.08 24.22
C LEU A 367 -30.42 9.42 25.45
N ASP A 368 -30.15 9.94 26.67
CA ASP A 368 -30.70 9.42 27.93
C ASP A 368 -32.23 9.25 27.92
N PHE A 369 -32.96 10.17 27.25
CA PHE A 369 -34.43 10.17 27.11
C PHE A 369 -35.01 8.84 26.58
N LEU A 370 -34.23 8.12 25.73
CA LEU A 370 -34.63 6.83 25.12
C LEU A 370 -34.93 5.75 26.16
N SER B 17 1.13 -21.79 -27.94
CA SER B 17 2.40 -22.03 -27.25
C SER B 17 3.21 -20.75 -27.10
N THR B 18 2.85 -19.70 -27.88
CA THR B 18 3.57 -18.44 -27.81
C THR B 18 3.23 -17.65 -26.53
N SER B 19 2.36 -18.21 -25.62
CA SER B 19 2.04 -17.57 -24.33
C SER B 19 2.85 -18.22 -23.17
N LEU B 20 3.70 -19.19 -23.50
CA LEU B 20 4.54 -19.84 -22.51
C LEU B 20 5.85 -19.07 -22.42
N TYR B 21 6.10 -18.50 -21.25
CA TYR B 21 7.31 -17.70 -20.98
C TYR B 21 7.90 -18.27 -19.71
N LYS B 22 9.13 -18.75 -19.81
CA LYS B 22 9.80 -19.44 -18.72
C LYS B 22 10.61 -18.56 -17.80
N LYS B 23 10.85 -19.09 -16.59
CA LYS B 23 11.74 -18.52 -15.56
C LYS B 23 13.01 -19.38 -15.67
N ALA B 24 14.19 -18.75 -15.71
CA ALA B 24 15.47 -19.49 -15.84
C ALA B 24 15.79 -20.32 -14.62
N GLY B 25 15.34 -19.87 -13.46
CA GLY B 25 15.57 -20.58 -12.21
C GLY B 25 14.41 -20.44 -11.26
N PHE B 26 14.70 -20.63 -9.98
CA PHE B 26 13.73 -20.52 -8.91
C PHE B 26 13.97 -19.22 -8.16
N ASP B 27 12.89 -18.63 -7.61
CA ASP B 27 12.97 -17.36 -6.86
C ASP B 27 13.75 -17.51 -5.56
N GLU B 35 28.77 -17.16 -12.63
CA GLU B 35 28.73 -15.85 -13.28
C GLU B 35 28.95 -14.68 -12.30
N TYR B 36 28.98 -14.94 -10.98
CA TYR B 36 29.17 -13.95 -9.92
C TYR B 36 30.64 -13.58 -9.72
N THR B 37 31.53 -14.59 -9.61
CA THR B 37 32.98 -14.40 -9.44
C THR B 37 33.55 -13.74 -10.70
N LYS B 38 33.00 -14.12 -11.87
CA LYS B 38 33.35 -13.60 -13.19
C LYS B 38 32.99 -12.11 -13.31
N LEU B 39 31.83 -11.72 -12.70
CA LEU B 39 31.33 -10.34 -12.70
C LEU B 39 32.22 -9.35 -11.93
N LEU B 40 32.98 -9.82 -10.91
CA LEU B 40 33.86 -8.89 -10.18
C LEU B 40 35.37 -9.18 -10.33
N HIS B 41 35.74 -10.03 -11.31
CA HIS B 41 37.14 -10.39 -11.59
C HIS B 41 38.00 -9.19 -12.03
N ASP B 42 37.53 -8.40 -13.03
CA ASP B 42 38.28 -7.24 -13.54
C ASP B 42 37.82 -5.90 -12.92
N GLY B 43 37.04 -5.97 -11.83
CA GLY B 43 36.52 -4.80 -11.14
C GLY B 43 35.39 -4.12 -11.90
N ILE B 44 34.83 -3.04 -11.34
CA ILE B 44 33.73 -2.30 -12.01
C ILE B 44 34.32 -1.44 -13.12
N GLN B 45 33.73 -1.51 -14.30
CA GLN B 45 34.15 -0.78 -15.49
C GLN B 45 33.69 0.69 -15.53
N PRO B 46 34.56 1.67 -15.89
CA PRO B 46 34.08 3.06 -16.02
C PRO B 46 33.10 3.11 -17.21
N VAL B 47 32.02 3.90 -17.10
CA VAL B 47 30.99 3.97 -18.16
C VAL B 47 31.55 4.31 -19.55
N ALA B 48 32.55 5.22 -19.62
CA ALA B 48 33.13 5.61 -20.92
C ALA B 48 33.80 4.42 -21.63
N ALA B 49 34.29 3.40 -20.86
CA ALA B 49 34.90 2.20 -21.44
C ALA B 49 33.80 1.31 -22.05
N ILE B 50 32.54 1.41 -21.53
CA ILE B 50 31.45 0.63 -22.11
C ILE B 50 31.12 1.25 -23.47
N ASP B 51 30.94 2.57 -23.52
CA ASP B 51 30.67 3.27 -24.77
C ASP B 51 30.87 4.76 -24.53
N SER B 52 31.57 5.46 -25.46
CA SER B 52 31.74 6.90 -25.31
C SER B 52 30.39 7.66 -25.28
N ASN B 53 29.32 7.06 -25.83
CA ASN B 53 27.98 7.67 -25.91
C ASN B 53 27.04 7.16 -24.80
N PHE B 54 27.59 6.47 -23.81
CA PHE B 54 26.77 5.82 -22.76
C PHE B 54 25.88 6.75 -21.94
N ALA B 55 26.29 8.00 -21.73
CA ALA B 55 25.54 8.96 -20.93
C ALA B 55 24.68 9.94 -21.76
N SER B 56 24.47 9.63 -23.04
CA SER B 56 23.70 10.45 -23.98
C SER B 56 22.30 9.92 -24.26
N PHE B 57 21.36 10.84 -24.48
CA PHE B 57 20.00 10.49 -24.85
C PHE B 57 19.94 9.74 -26.19
N THR B 58 21.04 9.76 -26.98
CA THR B 58 21.07 9.04 -28.26
C THR B 58 21.58 7.60 -28.10
N TYR B 59 21.94 7.19 -26.88
CA TYR B 59 22.40 5.83 -26.69
C TYR B 59 21.20 4.91 -26.66
N THR B 60 21.32 3.73 -27.29
CA THR B 60 20.23 2.75 -27.32
C THR B 60 20.68 1.57 -26.48
N PRO B 61 20.24 1.51 -25.20
CA PRO B 61 20.73 0.43 -24.32
C PRO B 61 20.41 -0.99 -24.81
N ARG B 62 19.39 -1.15 -25.69
CA ARG B 62 19.09 -2.47 -26.25
C ARG B 62 20.18 -2.96 -27.18
N SER B 63 21.13 -2.08 -27.55
CA SER B 63 22.27 -2.44 -28.38
C SER B 63 23.35 -3.16 -27.57
N LEU B 64 23.34 -3.00 -26.22
CA LEU B 64 24.37 -3.65 -25.39
C LEU B 64 24.10 -5.16 -25.31
N PRO B 65 25.13 -6.02 -25.53
CA PRO B 65 24.93 -7.46 -25.41
C PRO B 65 24.36 -7.79 -24.03
N GLU B 66 23.39 -8.70 -24.00
CA GLU B 66 22.72 -9.07 -22.75
C GLU B 66 23.71 -9.53 -21.67
N ASP B 67 24.77 -10.24 -22.05
CA ASP B 67 25.76 -10.68 -21.06
C ASP B 67 26.56 -9.53 -20.42
N ASP B 68 26.54 -8.32 -21.01
CA ASP B 68 27.26 -7.16 -20.47
C ASP B 68 26.38 -6.27 -19.61
N THR B 69 25.05 -6.57 -19.54
CA THR B 69 24.12 -5.70 -18.81
C THR B 69 24.33 -5.65 -17.30
N SER B 70 24.67 -6.79 -16.66
CA SER B 70 24.91 -6.75 -15.19
C SER B 70 26.09 -5.84 -14.88
N MET B 71 27.18 -5.95 -15.66
N MET B 71 27.19 -5.94 -15.65
CA MET B 71 28.36 -5.10 -15.53
CA MET B 71 28.33 -5.05 -15.42
C MET B 71 27.96 -3.63 -15.69
C MET B 71 27.90 -3.59 -15.63
N ALA B 72 27.09 -3.32 -16.68
CA ALA B 72 26.65 -1.95 -16.94
C ALA B 72 25.80 -1.38 -15.79
N ILE B 73 24.99 -2.25 -15.11
CA ILE B 73 24.22 -1.80 -13.96
C ILE B 73 25.22 -1.34 -12.87
N LEU B 74 26.22 -2.18 -12.55
CA LEU B 74 27.23 -1.82 -11.52
C LEU B 74 27.96 -0.53 -11.93
N SER B 75 28.32 -0.43 -13.23
CA SER B 75 29.01 0.76 -13.75
C SER B 75 28.20 2.04 -13.57
N MET B 76 26.87 1.96 -13.80
CA MET B 76 25.99 3.11 -13.62
C MET B 76 25.91 3.50 -12.14
N LEU B 77 25.75 2.51 -11.26
CA LEU B 77 25.69 2.77 -9.82
C LEU B 77 27.02 3.39 -9.33
N GLN B 78 28.14 2.94 -9.89
CA GLN B 78 29.45 3.50 -9.54
C GLN B 78 29.56 4.95 -10.05
N ASP B 79 29.13 5.20 -11.31
CA ASP B 79 29.22 6.53 -11.90
C ASP B 79 28.35 7.56 -11.20
N MET B 80 27.22 7.11 -10.62
CA MET B 80 26.31 7.99 -9.89
C MET B 80 26.80 8.14 -8.43
N ASN B 81 27.95 7.51 -8.12
CA ASN B 81 28.64 7.49 -6.83
C ASN B 81 27.82 6.80 -5.70
N PHE B 82 26.82 5.97 -6.04
CA PHE B 82 26.03 5.31 -4.97
C PHE B 82 26.79 4.23 -4.24
N ILE B 83 27.65 3.49 -4.94
CA ILE B 83 28.44 2.42 -4.33
C ILE B 83 29.34 3.03 -3.22
N ASN B 84 30.02 4.13 -3.54
CA ASN B 84 30.91 4.82 -2.61
C ASN B 84 30.14 5.53 -1.50
N ASN B 85 29.13 6.36 -1.83
CA ASN B 85 28.37 7.12 -0.84
C ASN B 85 27.62 6.25 0.15
N TYR B 86 27.05 5.13 -0.30
CA TYR B 86 26.33 4.25 0.61
C TYR B 86 27.15 3.04 1.07
N LYS B 87 28.46 3.00 0.74
CA LYS B 87 29.38 1.92 1.11
C LYS B 87 28.77 0.54 0.80
N ILE B 88 28.15 0.41 -0.40
CA ILE B 88 27.49 -0.84 -0.82
C ILE B 88 28.55 -1.92 -1.00
N ASP B 89 28.28 -3.13 -0.47
CA ASP B 89 29.20 -4.26 -0.61
C ASP B 89 29.09 -4.72 -2.06
N CYS B 90 30.21 -4.67 -2.80
CA CYS B 90 30.20 -5.04 -4.23
C CYS B 90 29.82 -6.49 -4.49
N PRO B 91 30.29 -7.52 -3.75
CA PRO B 91 29.79 -8.89 -3.99
C PRO B 91 28.27 -8.99 -3.77
N THR B 92 27.71 -8.29 -2.76
CA THR B 92 26.25 -8.33 -2.48
C THR B 92 25.53 -7.66 -3.65
N LEU B 93 26.07 -6.54 -4.13
CA LEU B 93 25.46 -5.82 -5.26
C LEU B 93 25.49 -6.68 -6.52
N ALA B 94 26.62 -7.36 -6.79
CA ALA B 94 26.73 -8.26 -7.95
C ALA B 94 25.69 -9.39 -7.84
N ARG B 95 25.56 -10.03 -6.64
CA ARG B 95 24.56 -11.08 -6.46
C ARG B 95 23.13 -10.54 -6.64
N PHE B 96 22.82 -9.35 -6.07
CA PHE B 96 21.50 -8.72 -6.20
C PHE B 96 21.19 -8.49 -7.68
N CYS B 97 22.15 -7.93 -8.44
N CYS B 97 22.14 -7.93 -8.43
CA CYS B 97 21.96 -7.67 -9.87
CA CYS B 97 21.92 -7.67 -9.84
C CYS B 97 21.64 -8.94 -10.66
C CYS B 97 21.59 -8.95 -10.61
N LEU B 98 22.37 -10.02 -10.37
CA LEU B 98 22.15 -11.30 -11.05
C LEU B 98 20.80 -11.91 -10.67
N MET B 99 20.37 -11.76 -9.41
CA MET B 99 19.07 -12.25 -8.98
C MET B 99 17.94 -11.50 -9.69
N VAL B 100 18.10 -10.17 -9.84
CA VAL B 100 17.08 -9.37 -10.50
C VAL B 100 17.00 -9.77 -11.95
N LYS B 101 18.15 -9.88 -12.63
CA LYS B 101 18.15 -10.30 -14.04
C LYS B 101 17.44 -11.66 -14.22
N LYS B 102 17.77 -12.65 -13.36
CA LYS B 102 17.17 -14.00 -13.40
C LYS B 102 15.69 -13.99 -13.02
N GLY B 103 15.21 -12.87 -12.44
CA GLY B 103 13.83 -12.71 -11.99
C GLY B 103 12.82 -12.36 -13.08
N TYR B 104 13.32 -12.15 -14.30
CA TYR B 104 12.45 -11.83 -15.45
C TYR B 104 12.25 -13.07 -16.32
N ARG B 105 11.03 -13.22 -16.87
CA ARG B 105 10.71 -14.30 -17.80
C ARG B 105 11.10 -13.83 -19.20
N ASP B 106 10.74 -14.61 -20.24
CA ASP B 106 11.13 -14.23 -21.58
C ASP B 106 9.97 -13.89 -22.53
N PRO B 107 8.97 -13.05 -22.15
CA PRO B 107 7.97 -12.65 -23.15
C PRO B 107 8.65 -11.70 -24.15
N PRO B 108 8.00 -11.36 -25.28
CA PRO B 108 8.65 -10.49 -26.26
C PRO B 108 9.08 -9.13 -25.74
N TYR B 109 8.24 -8.49 -24.89
CA TYR B 109 8.61 -7.17 -24.40
C TYR B 109 9.04 -7.11 -22.93
N HIS B 110 8.24 -7.70 -22.03
CA HIS B 110 8.47 -7.59 -20.57
C HIS B 110 9.53 -8.56 -20.02
N ASN B 111 10.77 -8.41 -20.52
CA ASN B 111 11.90 -9.24 -20.18
C ASN B 111 13.01 -8.37 -19.57
N TRP B 112 14.11 -9.00 -19.21
CA TRP B 112 15.20 -8.26 -18.59
C TRP B 112 15.72 -7.09 -19.44
N MET B 113 15.86 -7.27 -20.76
CA MET B 113 16.35 -6.14 -21.59
C MET B 113 15.46 -4.89 -21.46
N HIS B 114 14.16 -5.08 -21.18
CA HIS B 114 13.29 -3.92 -20.95
C HIS B 114 13.68 -3.29 -19.59
N ALA B 115 13.79 -4.12 -18.50
CA ALA B 115 14.17 -3.54 -17.18
C ALA B 115 15.54 -2.83 -17.27
N PHE B 116 16.48 -3.45 -17.97
CA PHE B 116 17.81 -2.88 -18.13
C PHE B 116 17.71 -1.51 -18.84
N SER B 117 16.95 -1.44 -19.96
N SER B 117 16.93 -1.44 -19.93
CA SER B 117 16.81 -0.18 -20.72
CA SER B 117 16.76 -0.21 -20.71
C SER B 117 16.10 0.91 -19.91
C SER B 117 16.08 0.90 -19.90
N VAL B 118 15.12 0.53 -19.08
CA VAL B 118 14.40 1.46 -18.19
C VAL B 118 15.41 2.01 -17.14
N SER B 119 16.27 1.12 -16.58
CA SER B 119 17.27 1.53 -15.58
C SER B 119 18.28 2.46 -16.24
N HIS B 120 18.67 2.16 -17.49
CA HIS B 120 19.61 3.02 -18.20
C HIS B 120 19.03 4.42 -18.37
N PHE B 121 17.74 4.52 -18.70
CA PHE B 121 17.14 5.84 -18.85
C PHE B 121 17.17 6.60 -17.55
N CYS B 122 16.99 5.90 -16.40
CA CYS B 122 17.04 6.57 -15.10
C CYS B 122 18.44 7.22 -14.97
N TYR B 123 19.45 6.46 -15.32
CA TYR B 123 20.84 6.93 -15.28
C TYR B 123 20.97 8.17 -16.22
N LEU B 124 20.37 8.13 -17.42
CA LEU B 124 20.43 9.28 -18.33
C LEU B 124 19.79 10.53 -17.71
N LEU B 125 18.66 10.35 -17.01
CA LEU B 125 18.01 11.50 -16.36
C LEU B 125 18.94 12.06 -15.28
N TYR B 126 19.60 11.17 -14.51
CA TYR B 126 20.55 11.62 -13.50
C TYR B 126 21.66 12.47 -14.14
N LYS B 127 22.28 11.95 -15.22
CA LYS B 127 23.40 12.62 -15.90
C LYS B 127 23.04 13.88 -16.66
N ASN B 128 21.87 13.90 -17.32
CA ASN B 128 21.48 15.03 -18.16
C ASN B 128 20.62 16.10 -17.53
N LEU B 129 19.73 15.72 -16.60
CA LEU B 129 18.81 16.66 -15.98
C LEU B 129 19.26 17.14 -14.61
N GLU B 130 20.42 16.66 -14.12
CA GLU B 130 21.00 17.02 -12.82
C GLU B 130 19.93 16.89 -11.71
N LEU B 131 19.43 15.65 -11.57
CA LEU B 131 18.40 15.31 -10.60
C LEU B 131 18.77 15.63 -9.15
N THR B 132 20.08 15.67 -8.81
CA THR B 132 20.53 15.97 -7.44
C THR B 132 20.10 17.38 -6.98
N ASN B 133 19.63 18.24 -7.91
CA ASN B 133 19.15 19.58 -7.61
C ASN B 133 17.64 19.60 -7.33
N TYR B 134 16.95 18.44 -7.51
CA TYR B 134 15.50 18.34 -7.34
C TYR B 134 15.11 17.29 -6.31
N LEU B 135 15.84 16.16 -6.27
CA LEU B 135 15.55 15.03 -5.38
C LEU B 135 16.69 14.73 -4.41
N GLU B 136 16.35 14.03 -3.32
CA GLU B 136 17.33 13.57 -2.33
C GLU B 136 18.09 12.39 -2.93
N ASP B 137 19.32 12.18 -2.47
CA ASP B 137 20.15 11.06 -2.93
C ASP B 137 19.43 9.72 -2.79
N ILE B 138 18.80 9.47 -1.64
CA ILE B 138 18.08 8.22 -1.36
C ILE B 138 16.90 8.02 -2.34
N GLU B 139 16.24 9.11 -2.74
CA GLU B 139 15.12 9.06 -3.70
C GLU B 139 15.62 8.64 -5.08
N ILE B 140 16.77 9.19 -5.52
CA ILE B 140 17.34 8.84 -6.83
C ILE B 140 17.81 7.37 -6.78
N PHE B 141 18.42 6.97 -5.65
CA PHE B 141 18.88 5.59 -5.51
C PHE B 141 17.69 4.62 -5.60
N ALA B 142 16.61 4.93 -4.86
CA ALA B 142 15.41 4.08 -4.87
C ALA B 142 14.80 4.06 -6.28
N LEU B 143 14.81 5.20 -7.00
CA LEU B 143 14.27 5.23 -8.37
C LEU B 143 15.04 4.23 -9.28
N PHE B 144 16.38 4.22 -9.18
CA PHE B 144 17.19 3.33 -10.02
C PHE B 144 16.93 1.86 -9.69
N ILE B 145 16.97 1.53 -8.39
CA ILE B 145 16.69 0.16 -7.97
C ILE B 145 15.27 -0.24 -8.40
N SER B 146 14.28 0.65 -8.21
CA SER B 146 12.91 0.36 -8.62
C SER B 146 12.87 0.11 -10.12
N CYS B 147 13.64 0.89 -10.94
CA CYS B 147 13.68 0.66 -12.40
C CYS B 147 14.10 -0.78 -12.70
N MET B 148 15.15 -1.26 -12.02
CA MET B 148 15.63 -2.64 -12.26
C MET B 148 14.57 -3.69 -11.94
N CYS B 149 13.81 -3.46 -10.86
CA CYS B 149 12.82 -4.40 -10.31
C CYS B 149 11.41 -4.25 -10.78
N HIS B 150 11.07 -3.15 -11.46
CA HIS B 150 9.68 -2.73 -11.66
C HIS B 150 8.77 -3.68 -12.42
N ASP B 151 9.30 -4.64 -13.21
CA ASP B 151 8.43 -5.60 -13.92
C ASP B 151 8.81 -7.03 -13.58
N LEU B 152 9.47 -7.26 -12.42
CA LEU B 152 9.93 -8.61 -12.08
C LEU B 152 8.87 -9.68 -12.21
N ASP B 153 9.21 -10.80 -12.87
CA ASP B 153 8.29 -11.94 -12.96
C ASP B 153 7.03 -11.67 -13.78
N HIS B 154 7.09 -10.67 -14.70
CA HIS B 154 5.96 -10.35 -15.56
C HIS B 154 5.65 -11.58 -16.43
N ARG B 155 4.37 -11.84 -16.65
CA ARG B 155 3.91 -13.02 -17.39
C ARG B 155 3.49 -12.73 -18.82
N GLY B 156 3.73 -11.51 -19.31
CA GLY B 156 3.32 -11.15 -20.66
C GLY B 156 1.83 -10.87 -20.77
N THR B 157 1.17 -10.65 -19.60
CA THR B 157 -0.25 -10.34 -19.52
C THR B 157 -0.46 -9.09 -18.68
N ASN B 158 -1.57 -8.40 -18.92
CA ASN B 158 -1.92 -7.20 -18.16
C ASN B 158 -2.67 -7.56 -16.86
N ASN B 159 -3.08 -6.54 -16.10
CA ASN B 159 -3.80 -6.75 -14.85
C ASN B 159 -5.17 -7.38 -15.05
N SER B 160 -5.90 -6.94 -16.07
CA SER B 160 -7.24 -7.48 -16.39
C SER B 160 -7.19 -8.98 -16.61
N PHE B 161 -6.14 -9.47 -17.29
CA PHE B 161 -5.97 -10.88 -17.52
C PHE B 161 -5.83 -11.68 -16.22
N GLN B 162 -5.08 -11.15 -15.25
CA GLN B 162 -4.91 -11.82 -13.96
C GLN B 162 -6.29 -12.07 -13.33
N VAL B 163 -7.15 -11.06 -13.35
CA VAL B 163 -8.50 -11.17 -12.79
C VAL B 163 -9.33 -12.20 -13.57
N ALA B 164 -9.36 -12.10 -14.93
CA ALA B 164 -10.11 -13.03 -15.80
C ALA B 164 -9.70 -14.49 -15.70
N SER B 165 -8.38 -14.74 -15.57
CA SER B 165 -7.84 -16.10 -15.46
C SER B 165 -7.87 -16.65 -14.04
N LYS B 166 -8.40 -15.85 -13.09
CA LYS B 166 -8.49 -16.19 -11.65
C LYS B 166 -7.13 -16.68 -11.14
N SER B 167 -6.06 -15.92 -11.47
CA SER B 167 -4.71 -16.30 -11.07
C SER B 167 -4.44 -16.17 -9.58
N VAL B 168 -3.36 -16.80 -9.10
CA VAL B 168 -2.92 -16.70 -7.70
C VAL B 168 -2.62 -15.19 -7.45
N LEU B 169 -2.05 -14.48 -8.46
CA LEU B 169 -1.74 -13.06 -8.26
C LEU B 169 -3.01 -12.24 -8.05
N ALA B 170 -4.09 -12.54 -8.81
CA ALA B 170 -5.35 -11.80 -8.61
C ALA B 170 -5.93 -12.15 -7.22
N ALA B 171 -5.80 -13.42 -6.79
CA ALA B 171 -6.31 -13.81 -5.47
C ALA B 171 -5.61 -13.03 -4.34
N LEU B 172 -4.31 -12.76 -4.49
CA LEU B 172 -3.56 -12.03 -3.48
C LEU B 172 -3.76 -10.53 -3.51
N TYR B 173 -3.90 -9.94 -4.72
CA TYR B 173 -3.91 -8.48 -4.84
C TYR B 173 -5.08 -7.79 -5.53
N SER B 174 -5.99 -8.52 -6.22
CA SER B 174 -7.05 -7.88 -7.00
C SER B 174 -7.92 -6.86 -6.28
N SER B 175 -8.23 -7.08 -4.99
CA SER B 175 -9.08 -6.12 -4.27
C SER B 175 -8.46 -4.71 -4.24
N GLU B 176 -7.10 -4.64 -4.11
CA GLU B 176 -6.34 -3.39 -4.00
C GLU B 176 -5.90 -2.76 -5.31
N GLY B 177 -6.12 -3.45 -6.42
CA GLY B 177 -5.70 -2.93 -7.71
C GLY B 177 -4.22 -3.14 -7.91
N SER B 178 -3.73 -2.74 -9.08
CA SER B 178 -2.31 -2.84 -9.47
C SER B 178 -1.76 -4.26 -9.21
N VAL B 179 -2.52 -5.29 -9.60
CA VAL B 179 -2.13 -6.69 -9.37
C VAL B 179 -0.67 -6.98 -9.73
N MET B 180 -0.31 -6.73 -11.01
CA MET B 180 1.08 -7.05 -11.39
C MET B 180 2.11 -6.25 -10.65
N GLU B 181 1.85 -4.94 -10.45
CA GLU B 181 2.79 -4.04 -9.79
C GLU B 181 3.02 -4.42 -8.33
N ARG B 182 1.95 -4.86 -7.62
CA ARG B 182 2.12 -5.35 -6.25
C ARG B 182 2.98 -6.62 -6.27
N HIS B 183 2.81 -7.48 -7.29
CA HIS B 183 3.63 -8.67 -7.41
C HIS B 183 5.10 -8.29 -7.69
N HIS B 184 5.35 -7.31 -8.59
CA HIS B 184 6.74 -6.90 -8.89
C HIS B 184 7.45 -6.45 -7.61
N PHE B 185 6.74 -5.64 -6.79
CA PHE B 185 7.29 -5.16 -5.54
C PHE B 185 7.57 -6.33 -4.60
N ALA B 186 6.61 -7.26 -4.47
CA ALA B 186 6.80 -8.45 -3.62
C ALA B 186 8.04 -9.25 -4.06
N GLN B 187 8.24 -9.42 -5.39
CA GLN B 187 9.41 -10.15 -5.91
C GLN B 187 10.70 -9.44 -5.60
N ALA B 188 10.70 -8.08 -5.63
CA ALA B 188 11.88 -7.27 -5.32
C ALA B 188 12.26 -7.50 -3.84
N ILE B 189 11.25 -7.48 -2.96
CA ILE B 189 11.45 -7.72 -1.52
C ILE B 189 11.99 -9.13 -1.29
N ALA B 190 11.47 -10.13 -2.00
CA ALA B 190 11.94 -11.51 -1.84
C ALA B 190 13.41 -11.62 -2.22
N ILE B 191 13.86 -10.86 -3.24
CA ILE B 191 15.27 -10.88 -3.62
C ILE B 191 16.13 -10.28 -2.50
N LEU B 192 15.71 -9.13 -1.95
CA LEU B 192 16.44 -8.49 -0.84
C LEU B 192 16.54 -9.45 0.36
N ASN B 193 15.48 -10.25 0.58
CA ASN B 193 15.43 -11.23 1.68
C ASN B 193 16.18 -12.54 1.41
N THR B 194 16.82 -12.66 0.24
CA THR B 194 17.60 -13.84 -0.08
C THR B 194 18.99 -13.64 0.49
N HIS B 195 19.51 -14.67 1.17
CA HIS B 195 20.83 -14.62 1.78
C HIS B 195 21.90 -14.10 0.80
N GLY B 196 22.65 -13.09 1.22
CA GLY B 196 23.72 -12.48 0.44
C GLY B 196 23.27 -11.49 -0.62
N CYS B 197 21.98 -11.11 -0.64
CA CYS B 197 21.49 -10.17 -1.67
C CYS B 197 20.96 -8.85 -1.11
N ASN B 198 20.99 -8.65 0.22
CA ASN B 198 20.43 -7.41 0.76
C ASN B 198 21.42 -6.27 0.70
N ILE B 199 21.34 -5.52 -0.39
CA ILE B 199 22.25 -4.39 -0.62
C ILE B 199 22.12 -3.25 0.37
N PHE B 200 20.98 -3.12 1.07
CA PHE B 200 20.78 -2.02 2.00
C PHE B 200 20.61 -2.47 3.47
N ASP B 201 20.97 -3.72 3.82
CA ASP B 201 20.78 -4.24 5.19
C ASP B 201 21.58 -3.50 6.28
N HIS B 202 22.58 -2.68 5.89
CA HIS B 202 23.38 -1.90 6.86
C HIS B 202 22.74 -0.53 7.15
N PHE B 203 21.65 -0.18 6.41
CA PHE B 203 20.98 1.10 6.61
C PHE B 203 20.31 1.10 7.99
N SER B 204 20.06 2.30 8.53
CA SER B 204 19.37 2.45 9.81
C SER B 204 17.92 1.93 9.65
N ARG B 205 17.21 1.69 10.76
CA ARG B 205 15.82 1.24 10.62
C ARG B 205 15.00 2.28 9.87
N LYS B 206 15.22 3.58 10.15
CA LYS B 206 14.51 4.67 9.48
C LYS B 206 14.80 4.70 7.97
N ASP B 207 16.09 4.60 7.59
CA ASP B 207 16.49 4.62 6.17
C ASP B 207 16.07 3.34 5.42
N TYR B 208 16.08 2.19 6.09
CA TYR B 208 15.66 0.93 5.47
C TYR B 208 14.17 1.04 5.14
N GLN B 209 13.38 1.56 6.11
CA GLN B 209 11.93 1.73 5.90
C GLN B 209 11.66 2.73 4.77
N ARG B 210 12.45 3.83 4.73
N ARG B 210 12.44 3.84 4.72
CA ARG B 210 12.34 4.87 3.70
CA ARG B 210 12.29 4.87 3.68
C ARG B 210 12.54 4.23 2.30
C ARG B 210 12.53 4.21 2.30
N MET B 211 13.56 3.34 2.18
CA MET B 211 13.86 2.64 0.92
C MET B 211 12.70 1.75 0.49
N LEU B 212 12.15 0.96 1.44
CA LEU B 212 11.02 0.07 1.14
C LEU B 212 9.80 0.86 0.70
N ASP B 213 9.49 1.98 1.41
CA ASP B 213 8.36 2.84 1.08
C ASP B 213 8.56 3.46 -0.30
N LEU B 214 9.81 3.89 -0.60
CA LEU B 214 10.10 4.49 -1.92
C LEU B 214 9.93 3.45 -3.00
N MET B 215 10.52 2.26 -2.83
CA MET B 215 10.37 1.19 -3.84
C MET B 215 8.90 0.83 -4.05
N ARG B 216 8.12 0.73 -2.96
CA ARG B 216 6.71 0.41 -3.09
C ARG B 216 6.01 1.48 -3.92
N ASP B 217 6.19 2.74 -3.54
CA ASP B 217 5.50 3.81 -4.25
C ASP B 217 5.91 3.94 -5.70
N ILE B 218 7.22 3.82 -5.97
CA ILE B 218 7.72 3.99 -7.33
C ILE B 218 7.27 2.84 -8.23
N ILE B 219 7.33 1.60 -7.75
CA ILE B 219 6.87 0.46 -8.56
C ILE B 219 5.37 0.55 -8.79
N LEU B 220 4.60 0.90 -7.74
CA LEU B 220 3.15 1.04 -7.94
C LEU B 220 2.76 2.19 -8.92
N ALA B 221 3.65 3.18 -9.11
CA ALA B 221 3.46 4.30 -10.03
C ALA B 221 3.51 3.82 -11.50
N THR B 222 4.00 2.57 -11.74
CA THR B 222 4.08 2.03 -13.11
C THR B 222 2.76 1.47 -13.61
N ASP B 223 1.72 1.43 -12.74
CA ASP B 223 0.37 1.05 -13.15
C ASP B 223 -0.19 2.29 -13.86
N LEU B 224 -0.57 2.13 -15.13
CA LEU B 224 -1.14 3.27 -15.90
C LEU B 224 -2.36 3.87 -15.17
N ALA B 225 -3.14 3.03 -14.47
CA ALA B 225 -4.32 3.55 -13.76
C ALA B 225 -3.89 4.56 -12.68
N HIS B 226 -2.74 4.32 -12.03
CA HIS B 226 -2.20 5.22 -11.00
C HIS B 226 -1.76 6.54 -11.67
N HIS B 227 -1.02 6.43 -12.79
CA HIS B 227 -0.59 7.61 -13.54
C HIS B 227 -1.80 8.48 -13.90
N LEU B 228 -2.88 7.86 -14.42
CA LEU B 228 -4.08 8.62 -14.79
C LEU B 228 -4.75 9.29 -13.57
N ARG B 229 -4.72 8.63 -12.42
CA ARG B 229 -5.29 9.21 -11.19
C ARG B 229 -4.53 10.43 -10.70
N ILE B 230 -3.18 10.44 -10.82
CA ILE B 230 -2.38 11.57 -10.35
C ILE B 230 -2.08 12.60 -11.43
N PHE B 231 -2.51 12.34 -12.68
CA PHE B 231 -2.24 13.23 -13.80
C PHE B 231 -2.55 14.69 -13.53
N LYS B 232 -3.76 15.01 -13.02
CA LYS B 232 -4.13 16.40 -12.72
C LYS B 232 -3.16 17.07 -11.74
N ASP B 233 -2.71 16.32 -10.71
CA ASP B 233 -1.73 16.82 -9.72
C ASP B 233 -0.37 17.04 -10.36
N LEU B 234 0.02 16.16 -11.33
CA LEU B 234 1.30 16.36 -12.01
C LEU B 234 1.19 17.65 -12.83
N GLN B 235 0.06 17.88 -13.51
CA GLN B 235 -0.15 19.11 -14.30
C GLN B 235 -0.10 20.36 -13.39
N LYS B 236 -0.72 20.28 -12.18
CA LYS B 236 -0.74 21.40 -11.23
C LYS B 236 0.70 21.72 -10.80
N MET B 237 1.51 20.69 -10.47
CA MET B 237 2.91 20.87 -10.08
C MET B 237 3.72 21.59 -11.19
N ALA B 238 3.53 21.15 -12.45
CA ALA B 238 4.23 21.72 -13.62
C ALA B 238 3.81 23.19 -13.85
N GLU B 239 2.57 23.51 -13.51
CA GLU B 239 2.02 24.86 -13.68
C GLU B 239 2.56 25.82 -12.60
N VAL B 240 2.45 25.44 -11.31
CA VAL B 240 2.90 26.27 -10.18
C VAL B 240 4.44 26.34 -10.10
N GLY B 241 5.10 25.28 -10.55
CA GLY B 241 6.55 25.16 -10.52
C GLY B 241 7.00 24.23 -9.42
N TYR B 242 8.01 23.41 -9.73
CA TYR B 242 8.56 22.45 -8.77
C TYR B 242 9.15 23.13 -7.53
N ASP B 243 8.76 22.64 -6.36
CA ASP B 243 9.26 23.15 -5.09
C ASP B 243 10.06 22.04 -4.40
N ARG B 244 11.38 22.17 -4.39
CA ARG B 244 12.25 21.15 -3.76
C ARG B 244 12.01 21.01 -2.23
N ASN B 245 11.23 21.93 -1.61
CA ASN B 245 10.91 21.84 -0.17
C ASN B 245 9.55 21.18 0.10
N ASN B 246 8.83 20.84 -0.99
CA ASN B 246 7.51 20.23 -0.90
C ASN B 246 7.63 18.70 -1.05
N LYS B 247 7.31 17.93 0.02
CA LYS B 247 7.39 16.46 0.03
C LYS B 247 6.48 15.85 -1.03
N GLN B 248 5.24 16.39 -1.24
CA GLN B 248 4.33 15.85 -2.27
C GLN B 248 4.95 16.07 -3.67
N HIS B 249 5.63 17.21 -3.90
CA HIS B 249 6.30 17.45 -5.18
C HIS B 249 7.37 16.40 -5.45
N HIS B 250 8.16 16.03 -4.41
CA HIS B 250 9.18 14.98 -4.60
C HIS B 250 8.50 13.66 -4.99
N ARG B 251 7.38 13.31 -4.31
CA ARG B 251 6.63 12.07 -4.56
C ARG B 251 6.04 12.09 -5.97
N LEU B 252 5.42 13.20 -6.39
CA LEU B 252 4.86 13.31 -7.74
C LEU B 252 5.95 13.22 -8.81
N LEU B 253 7.06 13.92 -8.57
CA LEU B 253 8.19 13.91 -9.51
C LEU B 253 8.71 12.48 -9.68
N LEU B 254 8.85 11.73 -8.57
CA LEU B 254 9.34 10.34 -8.68
C LEU B 254 8.41 9.51 -9.55
N CYS B 255 7.08 9.67 -9.39
CA CYS B 255 6.11 8.94 -10.22
C CYS B 255 6.28 9.30 -11.70
N LEU B 256 6.42 10.62 -11.99
CA LEU B 256 6.59 11.07 -13.37
C LEU B 256 7.88 10.53 -13.97
N LEU B 257 8.99 10.64 -13.26
CA LEU B 257 10.26 10.12 -13.76
C LEU B 257 10.17 8.61 -14.00
N MET B 258 9.53 7.84 -13.09
CA MET B 258 9.41 6.41 -13.28
C MET B 258 8.65 6.11 -14.59
N THR B 259 7.51 6.79 -14.81
CA THR B 259 6.73 6.57 -16.06
C THR B 259 7.57 6.96 -17.26
N SER B 260 8.39 8.05 -17.14
N SER B 260 8.37 8.05 -17.17
CA SER B 260 9.27 8.51 -18.22
CA SER B 260 9.21 8.43 -18.32
C SER B 260 10.34 7.44 -18.58
C SER B 260 10.28 7.37 -18.61
N CYS B 261 10.78 6.68 -17.57
CA CYS B 261 11.76 5.61 -17.76
C CYS B 261 11.08 4.42 -18.42
N ASP B 262 9.89 4.08 -17.93
CA ASP B 262 9.13 2.93 -18.45
C ASP B 262 8.75 3.05 -19.94
N LEU B 263 8.56 4.29 -20.43
CA LEU B 263 8.18 4.47 -21.84
C LEU B 263 9.34 5.00 -22.68
N SER B 264 10.57 5.02 -22.14
CA SER B 264 11.74 5.61 -22.79
C SER B 264 12.15 5.01 -24.13
N ASP B 265 11.65 3.80 -24.50
CA ASP B 265 11.99 3.27 -25.82
C ASP B 265 11.42 4.25 -26.89
N GLN B 266 10.35 4.99 -26.56
CA GLN B 266 9.73 5.94 -27.50
C GLN B 266 10.57 7.20 -27.76
N THR B 267 11.63 7.42 -26.95
CA THR B 267 12.52 8.60 -27.11
C THR B 267 13.73 8.25 -27.99
N LYS B 268 13.78 7.04 -28.54
CA LYS B 268 14.91 6.61 -29.36
C LYS B 268 14.58 6.84 -30.84
N GLY B 269 15.39 6.32 -31.74
CA GLY B 269 15.15 6.51 -33.17
C GLY B 269 13.95 5.74 -33.70
N TRP B 270 13.57 6.01 -34.96
CA TRP B 270 12.44 5.31 -35.57
C TRP B 270 12.63 3.79 -35.57
N LYS B 271 13.86 3.30 -35.82
CA LYS B 271 14.13 1.85 -35.86
C LYS B 271 13.77 1.20 -34.52
N THR B 272 14.08 1.90 -33.41
CA THR B 272 13.75 1.37 -32.08
C THR B 272 12.24 1.35 -31.92
N THR B 273 11.55 2.48 -32.23
CA THR B 273 10.08 2.57 -32.07
C THR B 273 9.39 1.43 -32.87
N ARG B 274 9.84 1.19 -34.12
CA ARG B 274 9.26 0.15 -34.95
C ARG B 274 9.46 -1.23 -34.35
N LYS B 275 10.69 -1.53 -33.89
CA LYS B 275 10.98 -2.83 -33.28
C LYS B 275 10.18 -3.01 -31.98
N ILE B 276 10.06 -1.95 -31.17
CA ILE B 276 9.34 -2.10 -29.92
C ILE B 276 7.84 -2.29 -30.18
N ALA B 277 7.30 -1.71 -31.28
CA ALA B 277 5.90 -1.97 -31.64
C ALA B 277 5.75 -3.47 -31.97
N GLU B 278 6.72 -4.04 -32.71
CA GLU B 278 6.68 -5.46 -33.03
C GLU B 278 6.64 -6.31 -31.74
N LEU B 279 7.53 -5.98 -30.78
CA LEU B 279 7.57 -6.72 -29.50
C LEU B 279 6.30 -6.57 -28.66
N ILE B 280 5.82 -5.33 -28.52
CA ILE B 280 4.60 -5.05 -27.76
C ILE B 280 3.42 -5.81 -28.35
N TYR B 281 3.23 -5.73 -29.69
CA TYR B 281 2.06 -6.38 -30.28
C TYR B 281 2.21 -7.89 -30.34
N LYS B 282 3.44 -8.45 -30.44
CA LYS B 282 3.58 -9.92 -30.37
C LYS B 282 3.09 -10.36 -28.97
N GLU B 283 3.51 -9.59 -27.92
CA GLU B 283 3.10 -9.93 -26.57
C GLU B 283 1.59 -9.75 -26.35
N PHE B 284 1.05 -8.60 -26.75
CA PHE B 284 -0.37 -8.32 -26.59
C PHE B 284 -1.23 -9.31 -27.34
N PHE B 285 -0.88 -9.61 -28.59
CA PHE B 285 -1.67 -10.55 -29.42
C PHE B 285 -1.63 -11.96 -28.88
N SER B 286 -0.52 -12.37 -28.24
CA SER B 286 -0.47 -13.72 -27.62
C SER B 286 -1.47 -13.75 -26.45
N GLN B 287 -1.58 -12.65 -25.67
CA GLN B 287 -2.59 -12.57 -24.60
C GLN B 287 -4.02 -12.68 -25.24
N GLY B 288 -4.27 -11.92 -26.31
CA GLY B 288 -5.56 -11.96 -27.02
C GLY B 288 -5.92 -13.36 -27.49
N ASP B 289 -4.93 -14.09 -28.06
CA ASP B 289 -5.13 -15.49 -28.54
C ASP B 289 -5.48 -16.40 -27.35
N LEU B 290 -4.82 -16.17 -26.21
CA LEU B 290 -5.04 -16.96 -25.02
C LEU B 290 -6.45 -16.72 -24.47
N GLU B 291 -6.90 -15.46 -24.49
CA GLU B 291 -8.25 -15.07 -24.04
C GLU B 291 -9.29 -15.73 -24.95
N LYS B 292 -9.05 -15.75 -26.29
CA LYS B 292 -9.96 -16.40 -27.26
C LYS B 292 -10.06 -17.89 -26.98
N ALA B 293 -8.92 -18.54 -26.66
CA ALA B 293 -8.85 -19.97 -26.32
C ALA B 293 -9.64 -20.26 -25.03
N MET B 294 -9.75 -19.24 -24.13
CA MET B 294 -10.48 -19.34 -22.87
C MET B 294 -11.97 -19.01 -23.06
N GLY B 295 -12.38 -18.71 -24.29
CA GLY B 295 -13.76 -18.37 -24.62
C GLY B 295 -14.14 -16.91 -24.44
N ASN B 296 -13.15 -16.02 -24.21
CA ASN B 296 -13.40 -14.60 -23.99
C ASN B 296 -12.98 -13.73 -25.19
N ARG B 297 -13.65 -12.58 -25.34
CA ARG B 297 -13.37 -11.61 -26.40
C ARG B 297 -12.36 -10.62 -25.80
N PRO B 298 -11.11 -10.58 -26.31
CA PRO B 298 -10.13 -9.66 -25.73
C PRO B 298 -10.33 -8.20 -26.14
N MET B 299 -9.57 -7.26 -25.50
CA MET B 299 -9.56 -5.82 -25.83
C MET B 299 -9.17 -5.76 -27.32
N GLU B 300 -9.64 -4.72 -28.04
CA GLU B 300 -9.30 -4.53 -29.46
C GLU B 300 -7.77 -4.48 -29.69
N MET B 301 -7.02 -3.78 -28.80
CA MET B 301 -5.56 -3.67 -28.93
C MET B 301 -4.83 -5.01 -28.77
N MET B 302 -5.52 -6.02 -28.22
CA MET B 302 -4.91 -7.34 -28.01
C MET B 302 -5.43 -8.40 -28.99
N ASP B 303 -6.31 -8.00 -29.90
CA ASP B 303 -6.90 -8.92 -30.87
C ASP B 303 -6.25 -8.74 -32.24
N ARG B 304 -5.42 -9.71 -32.69
CA ARG B 304 -4.71 -9.63 -33.97
C ARG B 304 -5.64 -9.57 -35.19
N GLU B 305 -6.93 -9.84 -35.00
CA GLU B 305 -7.91 -9.79 -36.09
C GLU B 305 -8.62 -8.45 -36.17
N LYS B 306 -8.53 -7.60 -35.12
CA LYS B 306 -9.20 -6.29 -35.07
C LYS B 306 -8.26 -5.09 -34.97
N ALA B 307 -7.10 -5.30 -34.33
CA ALA B 307 -6.11 -4.25 -34.11
C ALA B 307 -5.47 -3.66 -35.36
N TYR B 308 -5.46 -2.33 -35.46
CA TYR B 308 -4.80 -1.60 -36.54
C TYR B 308 -3.66 -0.84 -35.84
N ILE B 309 -2.47 -1.45 -35.82
CA ILE B 309 -1.26 -0.98 -35.11
C ILE B 309 -0.94 0.51 -35.34
N PRO B 310 -0.91 1.07 -36.57
CA PRO B 310 -0.56 2.50 -36.70
C PRO B 310 -1.48 3.41 -35.90
N GLU B 311 -2.81 3.16 -35.94
CA GLU B 311 -3.77 4.01 -35.20
C GLU B 311 -3.65 3.80 -33.69
N LEU B 312 -3.39 2.55 -33.27
CA LEU B 312 -3.22 2.25 -31.86
C LEU B 312 -1.98 2.94 -31.31
N GLN B 313 -0.89 2.93 -32.10
CA GLN B 313 0.37 3.59 -31.71
C GLN B 313 0.24 5.11 -31.71
N ILE B 314 -0.51 5.69 -32.69
CA ILE B 314 -0.74 7.14 -32.70
C ILE B 314 -1.52 7.52 -31.44
N SER B 315 -2.58 6.76 -31.08
CA SER B 315 -3.38 7.02 -29.88
C SER B 315 -2.53 6.90 -28.60
N PHE B 316 -1.71 5.83 -28.52
CA PHE B 316 -0.84 5.62 -27.34
C PHE B 316 0.12 6.81 -27.20
N MET B 317 0.73 7.23 -28.32
CA MET B 317 1.65 8.34 -28.29
C MET B 317 0.99 9.64 -27.91
N GLU B 318 -0.16 9.97 -28.51
CA GLU B 318 -0.83 11.23 -28.20
C GLU B 318 -1.45 11.29 -26.81
N HIS B 319 -2.04 10.19 -26.33
CA HIS B 319 -2.76 10.23 -25.06
C HIS B 319 -1.99 9.71 -23.86
N ILE B 320 -0.90 8.96 -24.07
CA ILE B 320 -0.16 8.48 -22.92
C ILE B 320 1.29 8.98 -22.91
N ALA B 321 2.05 8.63 -23.96
CA ALA B 321 3.49 8.99 -23.96
C ALA B 321 3.81 10.48 -24.11
N MET B 322 3.25 11.18 -25.11
CA MET B 322 3.54 12.61 -25.32
C MET B 322 3.21 13.47 -24.07
N PRO B 323 2.05 13.28 -23.39
CA PRO B 323 1.79 14.10 -22.20
C PRO B 323 2.81 13.90 -21.07
N ILE B 324 3.37 12.67 -20.94
CA ILE B 324 4.43 12.42 -19.94
C ILE B 324 5.69 13.23 -20.28
N TYR B 325 6.14 13.20 -21.55
CA TYR B 325 7.35 13.92 -21.93
C TYR B 325 7.13 15.41 -22.02
N LYS B 326 5.86 15.84 -22.21
CA LYS B 326 5.52 17.26 -22.22
C LYS B 326 5.62 17.76 -20.76
N LEU B 327 5.10 16.99 -19.79
CA LEU B 327 5.23 17.37 -18.37
C LEU B 327 6.71 17.41 -18.02
N LEU B 328 7.49 16.40 -18.49
CA LEU B 328 8.93 16.38 -18.21
C LEU B 328 9.64 17.64 -18.77
N GLN B 329 9.32 18.04 -20.00
CA GLN B 329 9.88 19.23 -20.64
C GLN B 329 9.47 20.48 -19.84
N ASP B 330 8.21 20.51 -19.33
CA ASP B 330 7.70 21.67 -18.56
C ASP B 330 8.51 21.88 -17.29
N LEU B 331 8.96 20.78 -16.67
CA LEU B 331 9.74 20.78 -15.44
C LEU B 331 11.24 20.91 -15.68
N PHE B 332 11.75 20.36 -16.79
CA PHE B 332 13.16 20.35 -17.13
C PHE B 332 13.37 20.77 -18.57
N PRO B 333 13.70 22.05 -18.84
CA PRO B 333 13.92 22.47 -20.24
C PRO B 333 14.88 21.58 -21.04
N LYS B 334 15.91 20.99 -20.40
CA LYS B 334 16.86 20.11 -21.09
C LYS B 334 16.21 18.80 -21.59
N ALA B 335 14.96 18.51 -21.17
CA ALA B 335 14.20 17.33 -21.60
C ALA B 335 13.41 17.62 -22.89
N ALA B 336 13.49 18.87 -23.44
CA ALA B 336 12.77 19.23 -24.68
C ALA B 336 13.02 18.25 -25.82
N GLU B 337 14.29 17.81 -26.03
CA GLU B 337 14.65 16.88 -27.11
C GLU B 337 13.91 15.53 -27.01
N LEU B 338 13.58 15.06 -25.78
CA LEU B 338 12.86 13.80 -25.56
C LEU B 338 11.44 13.94 -26.07
N TYR B 339 10.76 15.06 -25.71
CA TYR B 339 9.40 15.32 -26.16
C TYR B 339 9.41 15.42 -27.71
N GLU B 340 10.37 16.18 -28.28
CA GLU B 340 10.47 16.35 -29.73
C GLU B 340 10.65 15.01 -30.46
N ARG B 341 11.46 14.09 -29.87
CA ARG B 341 11.68 12.77 -30.46
C ARG B 341 10.40 11.92 -30.42
N VAL B 342 9.67 11.95 -29.30
CA VAL B 342 8.41 11.21 -29.15
C VAL B 342 7.41 11.76 -30.19
N ALA B 343 7.33 13.10 -30.33
CA ALA B 343 6.43 13.73 -31.30
C ALA B 343 6.82 13.33 -32.73
N SER B 344 8.14 13.25 -33.01
CA SER B 344 8.67 12.85 -34.32
C SER B 344 8.28 11.38 -34.63
N ASN B 345 8.41 10.47 -33.63
CA ASN B 345 8.02 9.08 -33.84
C ASN B 345 6.48 8.96 -34.08
N ARG B 346 5.69 9.86 -33.46
CA ARG B 346 4.24 9.88 -33.66
C ARG B 346 3.93 10.26 -35.14
N GLU B 347 4.67 11.25 -35.69
CA GLU B 347 4.52 11.71 -37.08
C GLU B 347 4.90 10.57 -38.05
N HIS B 348 5.92 9.78 -37.67
CA HIS B 348 6.36 8.61 -38.44
C HIS B 348 5.20 7.58 -38.57
N TRP B 349 4.42 7.35 -37.49
CA TRP B 349 3.27 6.43 -37.53
C TRP B 349 2.18 6.99 -38.43
N THR B 350 2.02 8.34 -38.48
CA THR B 350 1.03 8.95 -39.38
C THR B 350 1.47 8.63 -40.82
N LYS B 351 2.77 8.75 -41.11
CA LYS B 351 3.28 8.44 -42.47
C LYS B 351 3.02 6.96 -42.80
N VAL B 352 3.27 6.08 -41.81
CA VAL B 352 3.05 4.62 -41.92
C VAL B 352 1.58 4.26 -42.21
N SER B 353 0.60 4.97 -41.57
CA SER B 353 -0.84 4.72 -41.72
C SER B 353 -1.38 4.89 -43.18
N HIS B 354 -0.59 5.52 -44.07
CA HIS B 354 -0.94 5.72 -45.49
C HIS B 354 -0.20 4.71 -46.37
N LYS B 355 0.44 3.69 -45.75
CA LYS B 355 1.18 2.64 -46.46
C LYS B 355 1.26 1.36 -45.61
N PHE B 356 0.17 1.06 -44.90
CA PHE B 356 0.04 -0.11 -44.01
C PHE B 356 -1.41 -0.59 -44.10
N THR B 357 -1.66 -1.63 -44.90
CA THR B 357 -3.03 -2.06 -45.12
C THR B 357 -3.41 -3.37 -44.44
N ILE B 358 -2.85 -3.67 -43.26
CA ILE B 358 -3.21 -4.91 -42.58
C ILE B 358 -3.65 -4.69 -41.13
N ARG B 359 -4.41 -5.67 -40.59
CA ARG B 359 -4.84 -5.73 -39.21
C ARG B 359 -3.85 -6.67 -38.51
N GLY B 360 -3.51 -6.39 -37.26
CA GLY B 360 -2.54 -7.19 -36.51
C GLY B 360 -1.15 -7.04 -37.11
N LEU B 361 -0.34 -8.08 -36.96
CA LEU B 361 1.01 -8.07 -37.51
C LEU B 361 1.03 -8.91 -38.78
N PRO B 362 2.02 -8.73 -39.68
CA PRO B 362 2.11 -9.59 -40.87
C PRO B 362 2.34 -11.04 -40.43
N SER B 363 2.04 -12.03 -41.30
CA SER B 363 2.20 -13.46 -40.96
C SER B 363 3.61 -13.86 -40.50
N ASN B 364 4.65 -13.08 -40.89
CA ASN B 364 6.02 -13.36 -40.47
C ASN B 364 6.38 -12.64 -39.14
N ASN B 365 5.38 -11.94 -38.53
CA ASN B 365 5.52 -11.19 -37.27
C ASN B 365 6.57 -10.07 -37.31
N SER B 366 6.89 -9.59 -38.53
CA SER B 366 7.92 -8.56 -38.70
C SER B 366 7.41 -7.26 -39.30
N LEU B 367 7.90 -6.13 -38.77
CA LEU B 367 7.57 -4.81 -39.28
C LEU B 367 8.75 -4.29 -40.12
N ASP B 368 9.70 -5.19 -40.50
CA ASP B 368 10.86 -4.85 -41.32
C ASP B 368 10.48 -4.34 -42.72
N PHE B 369 9.22 -4.59 -43.16
CA PHE B 369 8.68 -4.12 -44.45
C PHE B 369 8.44 -2.59 -44.40
N LEU B 370 8.68 -1.94 -43.23
CA LEU B 370 8.51 -0.51 -43.04
C LEU B 370 9.82 0.28 -43.12
ZN ZN C . -11.07 2.53 15.68
MG MG D . -9.83 4.18 12.16
C1 EDO E . -18.67 4.42 8.41
O1 EDO E . -18.72 5.31 9.51
C2 EDO E . -20.05 4.45 7.71
O2 EDO E . -21.00 3.77 8.49
C1 EDO F . -17.65 8.46 8.90
O1 EDO F . -16.91 7.32 9.35
C2 EDO F . -18.14 8.24 7.46
O2 EDO F . -17.01 8.06 6.63
C1 EDO G . -14.99 4.87 8.60
O1 EDO G . -14.78 6.15 8.06
C2 EDO G . -13.67 4.08 8.72
O2 EDO G . -13.29 3.69 7.42
C1 EDO H . 10.91 1.73 11.02
O1 EDO H . 11.26 3.12 11.01
C2 EDO H . 10.64 1.28 12.49
O2 EDO H . 11.85 1.37 13.23
C1 EDO I . -14.49 -0.22 21.05
O1 EDO I . -14.50 1.23 21.22
C2 EDO I . -14.88 -0.65 19.62
O2 EDO I . -16.15 -0.21 19.16
C2 FKV J . -18.79 3.04 14.98
C3 FKV J . -16.70 3.91 12.15
C5 FKV J . -14.75 2.28 11.94
C7 FKV J . -14.93 0.25 10.66
C9 FKV J . -16.79 1.78 10.81
C10 FKV J . -14.36 -1.06 10.21
C11 FKV J . -15.77 4.97 12.75
C12 FKV J . -18.90 2.65 16.43
C13 FKV J . -18.87 1.18 16.64
C15 FKV J . -21.12 4.35 11.89
O1 FKV J . -21.94 3.27 15.15
C14 FKV J . -21.24 3.59 14.17
C1 FKV J . -19.81 3.45 14.10
N2 FKV J . -21.85 4.06 13.00
O FKV J . -21.78 4.73 10.85
N3 FKV J . -19.81 4.24 11.80
C FKV J . -19.17 3.80 12.90
N1 FKV J . -17.84 3.59 13.08
N FKV J . -17.61 3.10 14.35
F5 FKV J . -19.75 0.54 15.90
F4 FKV J . -19.15 0.88 17.91
F3 FKV J . -17.66 0.65 16.36
C4 FKV J . -16.06 2.63 11.63
C8 FKV J . -16.24 0.60 10.34
F2 FKV J . -13.89 -1.01 9.01
F1 FKV J . -13.34 -1.44 10.97
F FKV J . -15.25 -2.05 10.22
C6 FKV J . -14.19 1.11 11.46
ZN ZN K . 8.04 -1.69 -17.62
MG MG L . 4.79 -2.92 -15.52
C1 EDO M . -1.48 0.46 -21.96
O1 EDO M . -0.72 -0.59 -22.59
C2 EDO M . -2.58 0.98 -22.94
O2 EDO M . -2.00 1.60 -24.10
C1 EDO N . -1.84 -3.68 -22.01
O1 EDO N . -0.93 -2.92 -21.23
C2 EDO N . -3.26 -3.08 -21.90
O2 EDO N . -3.72 -3.28 -20.58
C1 EDO O . 0.47 -0.58 -17.66
O1 EDO O . -0.59 -0.28 -16.75
C2 EDO O . 0.26 -2.01 -18.15
O2 EDO O . -1.04 -2.21 -18.68
C2 FKV P . 4.85 0.27 -24.37
C3 FKV P . 2.72 -0.51 -21.61
C5 FKV P . 3.63 0.46 -19.46
C7 FKV P . 2.92 2.61 -18.63
C9 FKV P . 2.03 1.74 -20.68
C10 FKV P . 3.03 3.69 -17.60
C11 FKV P . 3.25 -1.89 -21.17
C12 FKV P . 6.24 0.31 -24.96
C13 FKV P . 6.89 1.63 -24.72
C15 FKV P . 0.93 0.44 -25.53
O1 FKV P . 3.93 0.95 -27.34
C14 FKV P . 3.18 0.70 -26.39
C1 FKV P . 3.62 0.44 -25.04
N2 FKV P . 1.80 0.67 -26.55
O FKV P . -0.33 0.44 -25.85
N3 FKV P . 1.31 0.20 -24.29
C FKV P . 2.63 0.20 -24.06
N1 FKV P . 3.28 -0.09 -22.91
N FKV P . 4.64 -0.03 -23.10
F5 FKV P . 6.13 2.65 -25.12
F4 FKV P . 8.04 1.74 -25.38
F3 FKV P . 7.20 1.82 -23.43
C4 FKV P . 2.79 0.59 -20.57
C8 FKV P . 2.08 2.74 -19.72
F2 FKV P . 2.00 3.76 -16.81
F1 FKV P . 3.11 4.89 -18.15
F FKV P . 4.05 3.54 -16.82
C6 FKV P . 3.68 1.45 -18.50
#